data_8IQD
#
_entry.id   8IQD
#
_cell.length_a   209.160
_cell.length_b   42.814
_cell.length_c   128.214
_cell.angle_alpha   90.00
_cell.angle_beta   125.04
_cell.angle_gamma   90.00
#
_symmetry.space_group_name_H-M   'C 1 2 1'
#
loop_
_entity.id
_entity.type
_entity.pdbx_description
1 polymer 'Putative primase C962R'
2 non-polymer 'MANGANESE (II) ION'
3 non-polymer "2'-DEOXYCYTIDINE-5'-TRIPHOSPHATE"
4 water water
#
_entity_poly.entity_id   1
_entity_poly.type   'polypeptide(L)'
_entity_poly.pdbx_seq_one_letter_code
;GSLAEVQALETLLARELSVFLTEPGSKKTNIINRITGKTYALPSTELLRFYEHLEQCRKQGALMYFLERQGTYSGLMLDY
DLKLNTNAAPSLESSVLSRLCHRIFVHIKNSSVLPEGSHKIHFFFTLKPEAVQGKYGFHVLIPGLKMAASTKKSIIASLQ
HDATVQKILHEQGVANPESCLDPHSASVPSLLYGSSKLNHRPYQLKTGFELVFDSSDPDYIPIHQIKNIESYNLVSELSL
TNEQGSLVRPVYCA
;
_entity_poly.pdbx_strand_id   A,B,C,D
#
loop_
_chem_comp.id
_chem_comp.type
_chem_comp.name
_chem_comp.formula
DCP non-polymer 2'-DEOXYCYTIDINE-5'-TRIPHOSPHATE 'C9 H16 N3 O13 P3'
MN non-polymer 'MANGANESE (II) ION' 'Mn 2'
#
# COMPACT_ATOMS: atom_id res chain seq x y z
CA THR A 29 -9.60 -18.82 23.22
C THR A 29 -11.05 -19.19 23.55
N ASN A 30 -11.98 -18.70 22.74
CA ASN A 30 -13.39 -18.99 22.89
C ASN A 30 -13.86 -19.80 21.70
N ILE A 31 -14.57 -20.90 21.97
CA ILE A 31 -15.02 -21.83 20.95
C ILE A 31 -16.52 -21.97 21.04
N ILE A 32 -17.19 -21.94 19.89
CA ILE A 32 -18.63 -22.07 19.78
C ILE A 32 -18.95 -23.32 18.96
N ASN A 33 -19.82 -24.16 19.50
CA ASN A 33 -20.35 -25.33 18.80
C ASN A 33 -21.71 -24.94 18.23
N ARG A 34 -21.72 -24.56 16.95
CA ARG A 34 -22.94 -24.04 16.33
C ARG A 34 -24.09 -25.04 16.41
N ILE A 35 -23.80 -26.34 16.36
CA ILE A 35 -24.87 -27.33 16.33
C ILE A 35 -25.54 -27.42 17.69
N THR A 36 -24.78 -27.29 18.77
CA THR A 36 -25.34 -27.32 20.11
C THR A 36 -25.55 -25.93 20.71
N GLY A 37 -25.01 -24.89 20.08
CA GLY A 37 -25.05 -23.57 20.68
C GLY A 37 -24.14 -23.39 21.88
N LYS A 38 -23.57 -24.47 22.41
CA LYS A 38 -22.71 -24.37 23.57
C LYS A 38 -21.40 -23.67 23.22
N THR A 39 -20.99 -22.76 24.10
CA THR A 39 -19.74 -22.03 23.96
C THR A 39 -18.76 -22.47 25.05
N TYR A 40 -17.48 -22.46 24.70
CA TYR A 40 -16.44 -22.93 25.61
C TYR A 40 -15.38 -21.84 25.74
N ALA A 41 -14.72 -21.82 26.91
CA ALA A 41 -13.65 -20.87 27.22
C ALA A 41 -12.41 -21.65 27.61
N LEU A 42 -11.73 -22.21 26.63
CA LEU A 42 -10.54 -23.01 26.89
C LEU A 42 -9.35 -22.14 27.26
N GLU A 46 -5.34 -26.18 27.30
CA GLU A 46 -6.32 -27.17 26.89
C GLU A 46 -6.66 -27.03 25.41
N LEU A 47 -6.31 -25.89 24.82
CA LEU A 47 -6.64 -25.64 23.42
C LEU A 47 -6.01 -26.68 22.50
N LEU A 48 -4.72 -26.98 22.72
CA LEU A 48 -4.03 -27.94 21.86
C LEU A 48 -4.64 -29.33 21.99
N ARG A 49 -4.96 -29.74 23.23
CA ARG A 49 -5.61 -31.03 23.43
C ARG A 49 -7.00 -31.05 22.81
N PHE A 50 -7.72 -29.93 22.90
CA PHE A 50 -8.99 -29.79 22.20
C PHE A 50 -8.81 -29.98 20.70
N TYR A 51 -7.83 -29.29 20.13
CA TYR A 51 -7.59 -29.40 18.69
C TYR A 51 -7.13 -30.79 18.30
N GLU A 52 -6.38 -31.47 19.19
CA GLU A 52 -5.98 -32.84 18.89
C GLU A 52 -7.19 -33.75 18.78
N HIS A 53 -8.19 -33.53 19.63
CA HIS A 53 -9.43 -34.32 19.55
C HIS A 53 -10.21 -33.98 18.29
N LEU A 54 -10.30 -32.69 17.95
CA LEU A 54 -11.01 -32.29 16.74
C LEU A 54 -10.34 -32.85 15.49
N GLU A 55 -9.01 -32.83 15.46
CA GLU A 55 -8.31 -33.39 14.30
C GLU A 55 -8.59 -34.87 14.15
N GLN A 56 -8.57 -35.62 15.26
CA GLN A 56 -8.99 -37.01 15.22
C GLN A 56 -10.42 -37.14 14.72
N CYS A 57 -11.31 -36.26 15.20
CA CYS A 57 -12.67 -36.23 14.68
C CYS A 57 -12.68 -35.85 13.20
N ARG A 58 -11.83 -34.90 12.81
CA ARG A 58 -11.83 -34.43 11.43
C ARG A 58 -11.35 -35.52 10.48
N LYS A 59 -10.24 -36.19 10.82
CA LYS A 59 -9.74 -37.27 9.99
C LYS A 59 -10.66 -38.49 10.03
N GLN A 60 -11.55 -38.56 11.02
CA GLN A 60 -12.61 -39.56 11.06
C GLN A 60 -13.90 -39.07 10.39
N GLY A 61 -13.80 -38.05 9.55
CA GLY A 61 -14.95 -37.56 8.78
C GLY A 61 -16.12 -37.07 9.61
N ALA A 62 -15.88 -36.62 10.83
CA ALA A 62 -16.97 -36.17 11.67
C ALA A 62 -17.53 -34.85 11.18
N LEU A 63 -18.84 -34.67 11.34
CA LEU A 63 -19.52 -33.44 10.97
C LEU A 63 -19.41 -32.48 12.15
N MET A 64 -18.67 -31.41 11.97
CA MET A 64 -18.49 -30.43 13.04
C MET A 64 -18.88 -29.04 12.56
N TYR A 65 -19.17 -28.19 13.54
CA TYR A 65 -19.63 -26.83 13.32
C TYR A 65 -18.98 -25.91 14.34
N PHE A 66 -17.71 -26.18 14.65
CA PHE A 66 -17.00 -25.43 15.67
C PHE A 66 -16.45 -24.13 15.08
N LEU A 67 -16.68 -23.04 15.80
CA LEU A 67 -16.10 -21.75 15.45
C LEU A 67 -15.27 -21.25 16.63
N GLU A 68 -14.20 -20.53 16.32
CA GLU A 68 -13.42 -19.84 17.31
C GLU A 68 -13.71 -18.35 17.21
N ARG A 69 -13.84 -17.70 18.36
CA ARG A 69 -14.03 -16.25 18.39
C ARG A 69 -12.68 -15.58 18.16
N GLN A 70 -12.64 -14.67 17.18
CA GLN A 70 -11.39 -13.99 16.87
C GLN A 70 -10.96 -13.08 18.01
N GLY A 71 -11.91 -12.59 18.80
CA GLY A 71 -11.56 -11.67 19.87
C GLY A 71 -10.99 -10.39 19.31
N THR A 72 -10.03 -9.82 20.04
CA THR A 72 -9.39 -8.58 19.64
C THR A 72 -7.93 -8.76 19.25
N TYR A 73 -7.36 -9.94 19.45
CA TYR A 73 -5.96 -10.17 19.14
C TYR A 73 -5.79 -11.64 18.81
N SER A 74 -5.69 -11.95 17.52
CA SER A 74 -5.58 -13.32 17.06
C SER A 74 -5.09 -13.29 15.61
N GLY A 75 -5.02 -14.48 15.00
CA GLY A 75 -4.59 -14.57 13.62
C GLY A 75 -5.55 -13.91 12.66
N LEU A 76 -5.06 -13.64 11.46
CA LEU A 76 -5.86 -12.96 10.45
C LEU A 76 -6.55 -13.99 9.57
N MET A 77 -7.85 -13.80 9.36
CA MET A 77 -8.63 -14.60 8.43
C MET A 77 -9.27 -13.67 7.41
N LEU A 78 -9.18 -14.06 6.14
CA LEU A 78 -9.82 -13.32 5.05
C LEU A 78 -10.93 -14.18 4.50
N ASP A 79 -12.15 -13.64 4.51
CA ASP A 79 -13.34 -14.36 4.08
C ASP A 79 -13.70 -13.85 2.69
N TYR A 80 -13.32 -14.61 1.67
CA TYR A 80 -13.59 -14.22 0.29
C TYR A 80 -14.87 -14.91 -0.15
N ASP A 81 -15.92 -14.12 -0.37
CA ASP A 81 -17.21 -14.59 -0.83
C ASP A 81 -17.31 -14.23 -2.31
N LEU A 82 -17.13 -15.23 -3.15
CA LEU A 82 -16.96 -15.01 -4.59
C LEU A 82 -18.27 -15.21 -5.32
N LYS A 83 -18.65 -14.21 -6.11
CA LYS A 83 -19.65 -14.37 -7.15
C LYS A 83 -18.92 -14.69 -8.45
N LEU A 84 -19.36 -15.74 -9.14
CA LEU A 84 -18.64 -16.27 -10.28
C LEU A 84 -19.38 -15.99 -11.58
N ASN A 85 -18.60 -15.94 -12.66
CA ASN A 85 -19.16 -15.78 -13.99
C ASN A 85 -19.75 -17.10 -14.51
N THR A 86 -19.14 -18.22 -14.12
CA THR A 86 -19.62 -19.55 -14.46
C THR A 86 -19.88 -20.33 -13.18
N ASN A 87 -20.51 -21.49 -13.32
CA ASN A 87 -20.76 -22.36 -12.17
C ASN A 87 -19.60 -23.32 -11.92
N ALA A 88 -18.42 -23.03 -12.47
CA ALA A 88 -17.24 -23.83 -12.25
C ALA A 88 -16.35 -23.16 -11.22
N ALA A 89 -15.78 -23.95 -10.32
CA ALA A 89 -14.90 -23.40 -9.30
C ALA A 89 -13.68 -22.78 -9.96
N PRO A 90 -13.20 -21.64 -9.46
CA PRO A 90 -11.95 -21.08 -9.99
C PRO A 90 -10.79 -22.03 -9.76
N SER A 91 -9.83 -22.01 -10.67
CA SER A 91 -8.73 -22.96 -10.58
C SER A 91 -7.89 -22.69 -9.33
N LEU A 92 -7.71 -21.42 -8.99
CA LEU A 92 -6.92 -20.98 -7.85
C LEU A 92 -5.62 -21.79 -7.73
N GLU A 93 -4.87 -21.78 -8.83
CA GLU A 93 -3.63 -22.52 -8.89
C GLU A 93 -2.63 -21.96 -7.88
N SER A 94 -1.63 -22.77 -7.56
CA SER A 94 -0.64 -22.38 -6.55
C SER A 94 0.02 -21.06 -6.90
N SER A 95 0.39 -20.86 -8.18
CA SER A 95 0.98 -19.59 -8.59
C SER A 95 0.04 -18.42 -8.32
N VAL A 96 -1.26 -18.62 -8.57
CA VAL A 96 -2.22 -17.55 -8.32
C VAL A 96 -2.40 -17.34 -6.82
N LEU A 97 -2.52 -18.44 -6.06
CA LEU A 97 -2.66 -18.31 -4.62
C LEU A 97 -1.40 -17.71 -4.01
N SER A 98 -0.23 -18.06 -4.57
CA SER A 98 1.02 -17.47 -4.09
C SER A 98 1.06 -15.97 -4.34
N ARG A 99 0.58 -15.53 -5.51
CA ARG A 99 0.49 -14.10 -5.77
C ARG A 99 -0.47 -13.41 -4.81
N LEU A 100 -1.58 -14.07 -4.49
CA LEU A 100 -2.51 -13.53 -3.50
C LEU A 100 -1.84 -13.39 -2.15
N CYS A 101 -1.02 -14.37 -1.77
CA CYS A 101 -0.23 -14.26 -0.55
C CYS A 101 0.60 -12.99 -0.54
N HIS A 102 1.38 -12.78 -1.61
CA HIS A 102 2.23 -11.60 -1.70
C HIS A 102 1.41 -10.33 -1.54
N ARG A 103 0.31 -10.22 -2.29
CA ARG A 103 -0.53 -9.03 -2.21
C ARG A 103 -1.12 -8.87 -0.81
N ILE A 104 -1.64 -9.96 -0.23
CA ILE A 104 -2.21 -9.88 1.10
C ILE A 104 -1.14 -9.50 2.12
N PHE A 105 0.07 -10.05 1.96
CA PHE A 105 1.12 -9.70 2.90
C PHE A 105 1.57 -8.25 2.74
N VAL A 106 1.51 -7.71 1.51
CA VAL A 106 1.83 -6.30 1.31
C VAL A 106 0.92 -5.44 2.18
N HIS A 107 -0.38 -5.73 2.17
CA HIS A 107 -1.30 -4.98 3.01
C HIS A 107 -1.09 -5.29 4.48
N ILE A 108 -0.67 -6.52 4.79
CA ILE A 108 -0.25 -6.83 6.16
C ILE A 108 0.95 -5.99 6.55
N LYS A 109 2.00 -6.04 5.72
CA LYS A 109 3.20 -5.24 5.96
C LYS A 109 2.86 -3.76 6.06
N ASN A 110 1.93 -3.30 5.23
CA ASN A 110 1.58 -1.88 5.20
C ASN A 110 0.78 -1.45 6.43
N SER A 111 0.31 -2.41 7.23
CA SER A 111 -0.36 -2.05 8.47
C SER A 111 0.63 -1.45 9.47
N SER A 112 1.93 -1.66 9.26
CA SER A 112 3.00 -1.15 10.11
C SER A 112 2.96 -1.76 11.50
N VAL A 113 2.42 -2.97 11.63
CA VAL A 113 2.34 -3.66 12.91
C VAL A 113 3.32 -4.82 13.01
N LEU A 114 3.96 -5.23 11.92
CA LEU A 114 4.82 -6.40 11.97
C LEU A 114 6.05 -6.12 12.82
N PRO A 115 6.53 -7.11 13.57
CA PRO A 115 7.75 -6.93 14.36
C PRO A 115 9.00 -6.99 13.49
N GLU A 116 10.07 -6.42 14.02
CA GLU A 116 11.36 -6.46 13.35
C GLU A 116 11.92 -7.88 13.36
N GLY A 117 12.83 -8.15 12.43
CA GLY A 117 13.47 -9.44 12.34
C GLY A 117 12.89 -10.32 11.25
N SER A 118 13.33 -11.57 11.25
CA SER A 118 12.89 -12.58 10.30
C SER A 118 11.84 -13.47 10.94
N HIS A 119 10.69 -13.58 10.29
CA HIS A 119 9.57 -14.34 10.84
C HIS A 119 8.91 -15.16 9.74
N LYS A 120 8.52 -16.38 10.09
CA LYS A 120 7.76 -17.25 9.20
C LYS A 120 6.27 -17.02 9.45
N ILE A 121 5.56 -16.57 8.43
CA ILE A 121 4.11 -16.45 8.47
C ILE A 121 3.54 -17.43 7.46
N HIS A 122 2.43 -18.05 7.81
CA HIS A 122 1.85 -19.10 6.99
C HIS A 122 0.49 -18.63 6.51
N PHE A 123 0.24 -18.81 5.22
CA PHE A 123 -1.02 -18.49 4.59
C PHE A 123 -1.71 -19.80 4.23
N PHE A 124 -2.94 -19.98 4.71
CA PHE A 124 -3.71 -21.17 4.41
C PHE A 124 -4.94 -20.80 3.59
N PHE A 125 -5.15 -21.51 2.49
CA PHE A 125 -6.31 -21.31 1.64
C PHE A 125 -7.23 -22.50 1.80
N THR A 126 -8.34 -22.29 2.50
CA THR A 126 -9.40 -23.26 2.57
C THR A 126 -10.46 -22.87 1.55
N LEU A 127 -10.85 -23.82 0.72
CA LEU A 127 -11.71 -23.55 -0.41
C LEU A 127 -13.08 -24.18 -0.21
N LYS A 128 -14.10 -23.50 -0.71
CA LYS A 128 -15.41 -24.14 -0.81
C LYS A 128 -15.28 -25.38 -1.69
N PRO A 129 -15.88 -26.50 -1.30
CA PRO A 129 -15.70 -27.74 -2.07
C PRO A 129 -16.06 -27.60 -3.54
N GLU A 130 -17.18 -26.97 -3.85
CA GLU A 130 -17.63 -26.83 -5.24
C GLU A 130 -18.33 -25.49 -5.39
N ALA A 131 -18.36 -24.99 -6.62
CA ALA A 131 -19.17 -23.81 -6.91
C ALA A 131 -20.64 -24.19 -6.84
N VAL A 132 -21.44 -23.34 -6.18
CA VAL A 132 -22.88 -23.58 -6.03
C VAL A 132 -23.59 -22.32 -6.50
N GLN A 133 -24.32 -22.44 -7.61
CA GLN A 133 -25.08 -21.33 -8.19
C GLN A 133 -24.19 -20.11 -8.42
N GLY A 134 -23.03 -20.35 -9.00
CA GLY A 134 -22.07 -19.28 -9.23
C GLY A 134 -21.49 -18.66 -7.99
N LYS A 135 -21.78 -19.20 -6.81
CA LYS A 135 -21.26 -18.67 -5.56
C LYS A 135 -20.15 -19.60 -5.08
N TYR A 136 -18.95 -19.06 -4.99
CA TYR A 136 -17.80 -19.76 -4.47
C TYR A 136 -17.21 -18.96 -3.32
N GLY A 137 -16.26 -19.56 -2.64
CA GLY A 137 -15.62 -18.88 -1.53
C GLY A 137 -14.35 -19.58 -1.14
N PHE A 138 -13.41 -18.81 -0.60
CA PHE A 138 -12.23 -19.37 0.00
C PHE A 138 -11.84 -18.49 1.17
N HIS A 139 -11.17 -19.09 2.15
CA HIS A 139 -10.63 -18.37 3.29
C HIS A 139 -9.13 -18.34 3.17
N VAL A 140 -8.55 -17.17 3.38
CA VAL A 140 -7.11 -17.02 3.54
C VAL A 140 -6.86 -16.94 5.04
N LEU A 141 -6.20 -17.96 5.58
CA LEU A 141 -5.91 -18.04 6.99
C LEU A 141 -4.46 -17.68 7.22
N ILE A 142 -4.22 -16.64 8.01
CA ILE A 142 -2.89 -16.31 8.50
C ILE A 142 -2.95 -16.46 10.01
N PRO A 143 -3.05 -17.69 10.53
CA PRO A 143 -3.33 -17.87 11.96
C PRO A 143 -2.18 -17.45 12.85
N GLY A 144 -0.94 -17.53 12.38
CA GLY A 144 0.19 -17.21 13.22
C GLY A 144 0.43 -15.73 13.39
N LEU A 145 -0.13 -14.90 12.53
CA LEU A 145 0.07 -13.45 12.61
C LEU A 145 -0.98 -12.88 13.55
N LYS A 146 -0.63 -12.81 14.83
CA LYS A 146 -1.55 -12.29 15.85
C LYS A 146 -1.55 -10.77 15.78
N MET A 147 -2.72 -10.19 15.56
CA MET A 147 -2.84 -8.76 15.38
C MET A 147 -4.17 -8.28 15.96
N ALA A 148 -4.26 -6.98 16.20
CA ALA A 148 -5.49 -6.42 16.72
C ALA A 148 -6.60 -6.51 15.67
N ALA A 149 -7.84 -6.50 16.16
CA ALA A 149 -8.98 -6.48 15.24
C ALA A 149 -8.99 -5.22 14.40
N SER A 150 -8.56 -4.10 14.96
CA SER A 150 -8.44 -2.88 14.17
C SER A 150 -7.40 -3.04 13.08
N THR A 151 -6.27 -3.68 13.39
CA THR A 151 -5.28 -3.97 12.34
C THR A 151 -5.87 -4.88 11.27
N LYS A 152 -6.62 -5.90 11.69
CA LYS A 152 -7.26 -6.78 10.73
C LYS A 152 -8.22 -6.01 9.83
N LYS A 153 -9.04 -5.14 10.43
CA LYS A 153 -9.99 -4.36 9.64
C LYS A 153 -9.27 -3.41 8.70
N SER A 154 -8.16 -2.83 9.15
CA SER A 154 -7.39 -1.93 8.29
C SER A 154 -6.77 -2.68 7.13
N ILE A 155 -6.34 -3.93 7.36
CA ILE A 155 -5.80 -4.74 6.28
C ILE A 155 -6.91 -5.14 5.31
N ILE A 156 -8.05 -5.54 5.85
CA ILE A 156 -9.20 -5.86 5.00
C ILE A 156 -9.59 -4.63 4.18
N ALA A 157 -9.62 -3.45 4.81
CA ALA A 157 -9.95 -2.23 4.09
C ALA A 157 -8.89 -1.89 3.06
N SER A 158 -7.62 -2.06 3.40
CA SER A 158 -6.55 -1.78 2.45
C SER A 158 -6.64 -2.72 1.25
N LEU A 159 -7.06 -3.97 1.48
CA LEU A 159 -7.14 -4.93 0.39
C LEU A 159 -8.17 -4.51 -0.65
N GLN A 160 -9.16 -3.71 -0.24
CA GLN A 160 -10.15 -3.22 -1.18
C GLN A 160 -9.52 -2.37 -2.27
N HIS A 161 -8.38 -1.73 -1.98
CA HIS A 161 -7.70 -0.90 -2.96
C HIS A 161 -6.65 -1.67 -3.76
N ASP A 162 -6.59 -2.99 -3.63
CA ASP A 162 -5.59 -3.77 -4.36
C ASP A 162 -6.12 -4.11 -5.74
N ALA A 163 -5.62 -3.42 -6.76
CA ALA A 163 -6.05 -3.70 -8.12
C ALA A 163 -5.55 -5.06 -8.59
N THR A 164 -4.42 -5.53 -8.04
CA THR A 164 -3.88 -6.83 -8.45
C THR A 164 -4.73 -7.97 -7.92
N VAL A 165 -5.16 -7.89 -6.66
CA VAL A 165 -6.07 -8.89 -6.12
C VAL A 165 -7.36 -8.91 -6.93
N GLN A 166 -7.88 -7.73 -7.28
CA GLN A 166 -9.06 -7.66 -8.12
C GLN A 166 -8.80 -8.25 -9.49
N LYS A 167 -7.65 -7.92 -10.09
CA LYS A 167 -7.31 -8.48 -11.39
C LYS A 167 -7.12 -9.98 -11.32
N ILE A 168 -6.47 -10.46 -10.26
CA ILE A 168 -6.28 -11.90 -10.09
C ILE A 168 -7.62 -12.60 -9.98
N LEU A 169 -8.50 -12.10 -9.11
CA LEU A 169 -9.80 -12.73 -8.92
C LEU A 169 -10.67 -12.60 -10.16
N HIS A 170 -10.62 -11.43 -10.82
CA HIS A 170 -11.34 -11.26 -12.08
C HIS A 170 -10.91 -12.30 -13.10
N GLU A 171 -9.60 -12.51 -13.25
CA GLU A 171 -9.09 -13.51 -14.18
C GLU A 171 -9.42 -14.92 -13.72
N GLN A 172 -9.82 -15.11 -12.46
CA GLN A 172 -10.25 -16.40 -11.97
C GLN A 172 -11.72 -16.70 -12.29
N GLY A 173 -12.44 -15.74 -12.84
CA GLY A 173 -13.86 -15.90 -13.09
C GLY A 173 -14.75 -15.25 -12.06
N VAL A 174 -14.21 -14.45 -11.16
CA VAL A 174 -14.99 -13.81 -10.12
C VAL A 174 -15.70 -12.59 -10.70
N ALA A 175 -16.99 -12.46 -10.41
CA ALA A 175 -17.80 -11.35 -10.91
C ALA A 175 -17.88 -10.19 -9.95
N ASN A 176 -17.47 -10.37 -8.70
CA ASN A 176 -17.46 -9.29 -7.72
C ASN A 176 -16.06 -9.11 -7.14
N PRO A 177 -15.03 -8.93 -7.97
CA PRO A 177 -13.66 -8.88 -7.41
C PRO A 177 -13.40 -7.68 -6.53
N GLU A 178 -14.18 -6.61 -6.67
CA GLU A 178 -14.04 -5.44 -5.82
C GLU A 178 -14.82 -5.55 -4.51
N SER A 179 -15.69 -6.55 -4.38
CA SER A 179 -16.55 -6.64 -3.21
C SER A 179 -16.64 -8.06 -2.66
N CYS A 180 -15.66 -8.92 -2.95
CA CYS A 180 -15.72 -10.31 -2.52
C CYS A 180 -15.09 -10.52 -1.15
N LEU A 181 -14.16 -9.67 -0.76
CA LEU A 181 -13.56 -9.78 0.57
C LEU A 181 -14.57 -9.31 1.60
N ASP A 182 -15.05 -10.23 2.42
CA ASP A 182 -16.05 -9.91 3.43
C ASP A 182 -15.46 -8.92 4.42
N PRO A 183 -16.04 -7.71 4.55
CA PRO A 183 -15.49 -6.74 5.51
C PRO A 183 -15.59 -7.21 6.95
N HIS A 184 -16.44 -8.21 7.23
CA HIS A 184 -16.58 -8.77 8.56
C HIS A 184 -15.61 -9.90 8.83
N SER A 185 -14.60 -10.08 7.96
CA SER A 185 -13.62 -11.15 8.18
C SER A 185 -12.92 -11.02 9.52
N ALA A 186 -12.70 -9.79 9.99
CA ALA A 186 -12.03 -9.57 11.27
C ALA A 186 -12.96 -9.79 12.45
N SER A 187 -14.27 -9.82 12.24
CA SER A 187 -15.25 -9.82 13.32
C SER A 187 -15.94 -11.16 13.51
N VAL A 188 -16.33 -11.83 12.44
CA VAL A 188 -17.14 -13.05 12.53
C VAL A 188 -16.33 -14.14 13.21
N PRO A 189 -16.96 -15.04 13.97
CA PRO A 189 -16.23 -16.21 14.46
C PRO A 189 -15.79 -17.05 13.28
N SER A 190 -14.59 -17.61 13.38
CA SER A 190 -14.00 -18.35 12.29
C SER A 190 -14.21 -19.84 12.54
N LEU A 191 -14.83 -20.51 11.57
CA LEU A 191 -14.92 -21.96 11.60
C LEU A 191 -13.55 -22.58 11.78
N LEU A 192 -13.45 -23.51 12.73
CA LEU A 192 -12.24 -24.31 12.82
C LEU A 192 -12.17 -25.22 11.60
N TYR A 193 -10.96 -25.60 11.23
CA TYR A 193 -10.79 -26.39 10.01
C TYR A 193 -11.53 -27.70 10.13
N GLY A 194 -12.19 -28.11 9.04
CA GLY A 194 -13.06 -29.25 9.06
C GLY A 194 -14.47 -28.96 9.53
N SER A 195 -14.70 -27.83 10.19
CA SER A 195 -16.03 -27.45 10.62
C SER A 195 -16.71 -26.60 9.57
N SER A 196 -18.03 -26.67 9.53
CA SER A 196 -18.84 -25.98 8.53
C SER A 196 -19.98 -25.27 9.21
N LYS A 197 -20.76 -24.54 8.40
CA LYS A 197 -22.04 -24.02 8.86
C LYS A 197 -23.08 -25.13 8.77
N LEU A 198 -24.30 -24.83 9.22
CA LEU A 198 -25.35 -25.83 9.39
C LEU A 198 -25.54 -26.73 8.18
N ASN A 199 -26.03 -26.18 7.08
CA ASN A 199 -26.34 -26.95 5.88
C ASN A 199 -25.26 -26.83 4.80
N HIS A 200 -24.06 -26.41 5.18
CA HIS A 200 -22.95 -26.24 4.25
C HIS A 200 -21.87 -27.29 4.50
N ARG A 201 -21.05 -27.53 3.46
CA ARG A 201 -19.91 -28.41 3.56
C ARG A 201 -18.70 -27.65 4.09
N PRO A 202 -17.80 -28.30 4.83
CA PRO A 202 -16.64 -27.59 5.36
C PRO A 202 -15.68 -27.19 4.24
N TYR A 203 -15.06 -26.03 4.41
CA TYR A 203 -14.02 -25.62 3.49
C TYR A 203 -12.84 -26.57 3.56
N GLN A 204 -12.23 -26.83 2.42
CA GLN A 204 -11.11 -27.76 2.31
C GLN A 204 -9.84 -26.97 2.06
N LEU A 205 -8.80 -27.26 2.84
CA LEU A 205 -7.50 -26.64 2.62
C LEU A 205 -6.95 -27.09 1.27
N LYS A 206 -6.81 -26.15 0.34
CA LYS A 206 -6.16 -26.51 -0.91
C LYS A 206 -4.65 -26.59 -0.72
N THR A 207 -4.06 -25.52 -0.18
CA THR A 207 -2.62 -25.50 0.04
C THR A 207 -2.29 -24.42 1.05
N GLY A 208 -1.07 -24.49 1.57
CA GLY A 208 -0.58 -23.48 2.46
C GLY A 208 0.77 -22.99 1.98
N PHE A 209 1.05 -21.73 2.30
CA PHE A 209 2.28 -21.07 1.85
C PHE A 209 3.06 -20.57 3.06
N GLU A 210 4.36 -20.77 3.02
CA GLU A 210 5.26 -20.25 4.02
C GLU A 210 5.84 -18.93 3.52
N LEU A 211 5.63 -17.86 4.27
CA LEU A 211 6.15 -16.55 3.93
C LEU A 211 7.16 -16.15 4.99
N VAL A 212 8.37 -15.81 4.56
CA VAL A 212 9.39 -15.29 5.45
C VAL A 212 9.55 -13.81 5.13
N PHE A 213 9.34 -12.95 6.12
CA PHE A 213 9.61 -11.54 5.94
C PHE A 213 10.73 -11.15 6.89
N ASP A 214 11.72 -10.45 6.34
CA ASP A 214 12.91 -10.05 7.08
C ASP A 214 13.06 -8.54 6.99
N SER A 215 13.14 -7.88 8.14
CA SER A 215 13.41 -6.45 8.16
C SER A 215 14.78 -6.14 7.56
N SER A 216 15.70 -7.11 7.57
CA SER A 216 17.01 -6.91 6.97
C SER A 216 16.97 -6.99 5.44
N ASP A 217 15.83 -7.37 4.87
CA ASP A 217 15.67 -7.43 3.42
C ASP A 217 14.19 -7.26 3.09
N PRO A 218 13.65 -6.05 3.26
CA PRO A 218 12.19 -5.89 3.17
C PRO A 218 11.65 -6.26 1.79
N ASP A 219 12.44 -6.04 0.73
CA ASP A 219 11.99 -6.35 -0.61
C ASP A 219 11.98 -7.84 -0.91
N TYR A 220 12.49 -8.67 0.00
CA TYR A 220 12.54 -10.12 -0.20
C TYR A 220 11.37 -10.77 0.54
N ILE A 221 10.41 -11.27 -0.22
CA ILE A 221 9.23 -11.94 0.34
C ILE A 221 9.14 -13.35 -0.23
N PRO A 222 9.94 -14.31 0.24
CA PRO A 222 9.86 -15.67 -0.30
C PRO A 222 8.54 -16.32 0.11
N ILE A 223 7.75 -16.72 -0.87
CA ILE A 223 6.49 -17.40 -0.64
C ILE A 223 6.62 -18.78 -1.27
N HIS A 224 6.67 -19.80 -0.43
CA HIS A 224 6.83 -21.16 -0.90
C HIS A 224 5.72 -22.01 -0.31
N GLN A 225 5.24 -22.97 -1.09
CA GLN A 225 4.27 -23.92 -0.58
C GLN A 225 4.85 -24.63 0.63
N ILE A 226 4.02 -24.79 1.67
CA ILE A 226 4.46 -25.49 2.86
C ILE A 226 4.66 -26.97 2.52
N LYS A 227 5.79 -27.51 2.94
CA LYS A 227 6.10 -28.90 2.69
C LYS A 227 5.39 -29.75 3.73
N ASN A 228 4.65 -30.76 3.27
CA ASN A 228 3.95 -31.71 4.12
C ASN A 228 3.05 -31.01 5.15
N ILE A 229 2.08 -30.25 4.64
CA ILE A 229 1.13 -29.59 5.53
C ILE A 229 0.28 -30.64 6.25
N GLU A 230 0.05 -31.78 5.60
CA GLU A 230 -0.80 -32.83 6.15
C GLU A 230 -0.15 -33.56 7.32
N SER A 231 1.13 -33.32 7.59
CA SER A 231 1.78 -33.93 8.75
C SER A 231 1.48 -33.19 10.04
N TYR A 232 0.73 -32.10 9.97
CA TYR A 232 0.39 -31.29 11.13
C TYR A 232 -1.09 -31.42 11.46
N ASN A 233 -1.44 -31.00 12.68
CA ASN A 233 -2.82 -30.91 13.10
C ASN A 233 -3.42 -29.68 12.44
N LEU A 234 -4.19 -29.89 11.37
CA LEU A 234 -4.69 -28.76 10.57
C LEU A 234 -5.67 -27.91 11.37
N VAL A 235 -6.48 -28.53 12.23
CA VAL A 235 -7.32 -27.75 13.13
C VAL A 235 -6.47 -26.86 14.02
N SER A 236 -5.41 -27.44 14.60
CA SER A 236 -4.52 -26.67 15.46
C SER A 236 -3.78 -25.60 14.68
N GLU A 237 -3.20 -25.97 13.54
CA GLU A 237 -2.33 -25.04 12.82
C GLU A 237 -3.12 -23.87 12.24
N LEU A 238 -4.35 -24.11 11.81
CA LEU A 238 -5.14 -23.09 11.13
C LEU A 238 -5.95 -22.23 12.09
N SER A 239 -5.91 -22.52 13.40
CA SER A 239 -6.72 -21.79 14.35
C SER A 239 -6.13 -20.39 14.57
N LEU A 240 -6.99 -19.38 14.44
CA LEU A 240 -6.55 -17.99 14.61
C LEU A 240 -6.15 -17.68 16.04
N THR A 241 -6.73 -18.39 17.01
CA THR A 241 -6.45 -18.16 18.42
C THR A 241 -5.37 -19.08 18.96
N ASN A 242 -4.98 -20.11 18.23
CA ASN A 242 -3.97 -21.04 18.70
C ASN A 242 -2.62 -20.35 18.77
N GLU A 243 -1.90 -20.61 19.86
CA GLU A 243 -0.52 -20.17 20.00
C GLU A 243 0.44 -21.32 20.21
N GLN A 244 -0.05 -22.57 20.19
CA GLN A 244 0.76 -23.74 20.45
C GLN A 244 0.91 -24.62 19.21
N GLY A 245 0.70 -24.07 18.03
CA GLY A 245 0.90 -24.83 16.81
C GLY A 245 2.37 -25.17 16.62
N SER A 246 2.61 -26.26 15.87
CA SER A 246 3.98 -26.67 15.56
C SER A 246 4.49 -25.98 14.31
N LEU A 247 3.78 -26.16 13.19
CA LEU A 247 4.12 -25.45 11.97
C LEU A 247 3.90 -23.96 12.12
N VAL A 248 2.74 -23.57 12.64
CA VAL A 248 2.34 -22.18 12.73
C VAL A 248 2.78 -21.66 14.10
N ARG A 249 3.81 -20.82 14.11
CA ARG A 249 4.28 -20.23 15.35
C ARG A 249 3.85 -18.77 15.42
N PRO A 250 3.26 -18.35 16.53
CA PRO A 250 2.73 -16.98 16.62
C PRO A 250 3.80 -15.93 16.36
N VAL A 251 3.45 -14.96 15.54
CA VAL A 251 4.24 -13.76 15.31
C VAL A 251 3.37 -12.60 15.75
N TYR A 252 3.74 -11.94 16.83
CA TYR A 252 2.87 -10.96 17.47
C TYR A 252 3.08 -9.58 16.85
N CYS A 253 1.99 -8.97 16.39
CA CYS A 253 2.01 -7.63 15.84
C CYS A 253 1.70 -6.60 16.93
N ALA A 254 2.07 -5.36 16.65
CA ALA A 254 1.84 -4.27 17.58
C ALA A 254 0.41 -3.74 17.46
N LEU B 17 25.16 31.12 -14.62
CA LEU B 17 25.17 29.69 -14.36
C LEU B 17 26.29 29.00 -15.15
N SER B 18 26.94 29.76 -16.05
CA SER B 18 27.98 29.19 -16.90
C SER B 18 29.14 28.65 -16.07
N VAL B 19 29.37 29.19 -14.87
CA VAL B 19 30.44 28.69 -14.03
C VAL B 19 30.17 27.26 -13.57
N PHE B 20 28.89 26.86 -13.52
CA PHE B 20 28.50 25.53 -13.10
C PHE B 20 28.23 24.60 -14.28
N LEU B 21 28.72 24.94 -15.47
CA LEU B 21 28.49 24.11 -16.65
C LEU B 21 29.15 22.75 -16.49
N THR B 22 28.50 21.73 -17.05
CA THR B 22 29.00 20.36 -16.96
C THR B 22 29.01 19.68 -18.33
N THR B 29 25.97 17.07 -12.68
CA THR B 29 24.94 17.76 -13.45
C THR B 29 23.57 17.55 -12.83
N ASN B 30 22.97 18.63 -12.33
CA ASN B 30 21.63 18.58 -11.74
C ASN B 30 20.58 19.38 -12.49
N ILE B 31 20.98 20.33 -13.33
CA ILE B 31 20.04 21.16 -14.07
C ILE B 31 20.37 21.04 -15.55
N ILE B 32 19.34 20.85 -16.38
CA ILE B 32 19.47 20.73 -17.83
C ILE B 32 18.66 21.83 -18.49
N ASN B 33 19.29 22.57 -19.40
CA ASN B 33 18.60 23.56 -20.23
C ASN B 33 18.35 22.92 -21.59
N ARG B 34 17.14 22.40 -21.78
CA ARG B 34 16.81 21.68 -23.01
C ARG B 34 17.00 22.53 -24.26
N ILE B 35 16.76 23.84 -24.15
CA ILE B 35 16.80 24.69 -25.34
C ILE B 35 18.23 24.88 -25.82
N THR B 36 19.18 24.98 -24.90
CA THR B 36 20.60 25.13 -25.25
C THR B 36 21.36 23.82 -25.18
N GLY B 37 20.77 22.76 -24.62
CA GLY B 37 21.48 21.52 -24.39
C GLY B 37 22.52 21.56 -23.29
N LYS B 38 22.86 22.73 -22.77
CA LYS B 38 23.87 22.84 -21.73
C LYS B 38 23.36 22.25 -20.42
N THR B 39 24.23 21.51 -19.75
CA THR B 39 23.92 20.91 -18.46
C THR B 39 24.71 21.64 -17.38
N TYR B 40 24.10 21.80 -16.20
CA TYR B 40 24.68 22.58 -15.13
C TYR B 40 24.72 21.78 -13.84
N ALA B 41 25.67 22.11 -12.98
CA ALA B 41 25.82 21.52 -11.66
C ALA B 41 25.78 22.65 -10.63
N LEU B 42 24.59 23.18 -10.40
CA LEU B 42 24.42 24.27 -9.48
C LEU B 42 24.51 23.78 -8.04
N PRO B 43 25.37 24.35 -7.20
CA PRO B 43 25.40 23.97 -5.79
C PRO B 43 24.15 24.45 -5.08
N SER B 44 24.01 24.00 -3.83
CA SER B 44 22.79 24.28 -3.07
C SER B 44 22.55 25.78 -2.92
N THR B 45 23.62 26.56 -2.77
CA THR B 45 23.47 27.99 -2.59
C THR B 45 22.98 28.66 -3.86
N GLU B 46 23.60 28.36 -5.00
CA GLU B 46 23.21 28.99 -6.26
C GLU B 46 21.84 28.54 -6.73
N LEU B 47 21.32 27.43 -6.19
CA LEU B 47 20.02 26.92 -6.65
C LEU B 47 18.91 27.92 -6.39
N LEU B 48 18.87 28.51 -5.19
CA LEU B 48 17.79 29.45 -4.86
C LEU B 48 17.88 30.69 -5.73
N ARG B 49 19.08 31.20 -5.97
CA ARG B 49 19.23 32.36 -6.85
C ARG B 49 18.86 32.00 -8.28
N PHE B 50 19.23 30.79 -8.71
CA PHE B 50 18.78 30.28 -10.01
C PHE B 50 17.26 30.23 -10.07
N TYR B 51 16.63 29.64 -9.05
CA TYR B 51 15.17 29.53 -9.04
C TYR B 51 14.50 30.89 -8.95
N GLU B 52 15.10 31.84 -8.23
CA GLU B 52 14.51 33.17 -8.14
C GLU B 52 14.44 33.84 -9.50
N HIS B 53 15.47 33.66 -10.33
CA HIS B 53 15.44 34.22 -11.67
C HIS B 53 14.39 33.53 -12.53
N LEU B 54 14.30 32.21 -12.43
CA LEU B 54 13.29 31.48 -13.22
C LEU B 54 11.87 31.90 -12.85
N GLU B 55 11.62 32.08 -11.55
CA GLU B 55 10.28 32.50 -11.12
C GLU B 55 9.94 33.88 -11.67
N GLN B 56 10.89 34.82 -11.60
CA GLN B 56 10.68 36.13 -12.21
C GLN B 56 10.41 36.00 -13.70
N CYS B 57 11.18 35.16 -14.39
CA CYS B 57 10.91 34.91 -15.81
C CYS B 57 9.55 34.24 -15.99
N ARG B 58 9.20 33.31 -15.11
CA ARG B 58 7.94 32.60 -15.23
C ARG B 58 6.76 33.53 -15.00
N LYS B 59 6.83 34.38 -13.98
CA LYS B 59 5.76 35.32 -13.68
C LYS B 59 5.66 36.39 -14.77
N ALA B 62 7.74 33.78 -19.62
CA ALA B 62 8.84 33.43 -20.52
C ALA B 62 8.85 31.92 -20.80
N LEU B 63 9.26 31.57 -22.01
CA LEU B 63 9.33 30.17 -22.43
C LEU B 63 10.68 29.59 -22.00
N MET B 64 10.64 28.63 -21.08
CA MET B 64 11.84 27.97 -20.60
C MET B 64 11.69 26.47 -20.76
N TYR B 65 12.84 25.78 -20.73
CA TYR B 65 12.91 24.35 -20.94
C TYR B 65 13.89 23.72 -19.96
N PHE B 66 13.88 24.22 -18.73
CA PHE B 66 14.82 23.76 -17.71
C PHE B 66 14.30 22.50 -17.04
N LEU B 67 15.19 21.52 -16.90
CA LEU B 67 14.92 20.29 -16.18
C LEU B 67 15.91 20.13 -15.04
N GLU B 68 15.45 19.51 -13.96
CA GLU B 68 16.33 19.11 -12.87
C GLU B 68 16.50 17.60 -12.92
N ARG B 69 17.72 17.13 -12.72
CA ARG B 69 17.97 15.70 -12.65
C ARG B 69 17.61 15.20 -11.26
N GLN B 70 16.77 14.15 -11.21
CA GLN B 70 16.31 13.63 -9.93
C GLN B 70 17.46 13.01 -9.14
N GLY B 71 18.49 12.52 -9.82
CA GLY B 71 19.59 11.89 -9.12
C GLY B 71 19.13 10.63 -8.41
N THR B 72 19.72 10.38 -7.25
CA THR B 72 19.39 9.21 -6.46
C THR B 72 18.69 9.53 -5.15
N TYR B 73 18.58 10.81 -4.78
CA TYR B 73 17.95 11.19 -3.52
C TYR B 73 17.40 12.60 -3.69
N SER B 74 16.08 12.70 -3.89
CA SER B 74 15.42 13.97 -4.11
C SER B 74 13.92 13.77 -3.92
N GLY B 75 13.15 14.84 -4.17
CA GLY B 75 11.72 14.75 -4.03
C GLY B 75 11.09 13.79 -5.03
N LEU B 76 9.86 13.40 -4.72
CA LEU B 76 9.15 12.43 -5.53
C LEU B 76 8.30 13.14 -6.57
N MET B 77 8.39 12.69 -7.82
CA MET B 77 7.55 13.17 -8.90
C MET B 77 6.80 12.00 -9.51
N LEU B 78 5.50 12.18 -9.72
CA LEU B 78 4.67 11.18 -10.38
C LEU B 78 4.23 11.75 -11.72
N ASP B 79 4.58 11.04 -12.78
CA ASP B 79 4.32 11.49 -14.15
C ASP B 79 3.13 10.69 -14.68
N TYR B 80 1.96 11.29 -14.66
CA TYR B 80 0.75 10.63 -15.12
C TYR B 80 0.51 11.01 -16.58
N ASP B 81 0.63 10.04 -17.47
CA ASP B 81 0.41 10.22 -18.89
C ASP B 81 -0.96 9.61 -19.20
N LEU B 82 -1.95 10.47 -19.38
CA LEU B 82 -3.34 10.05 -19.44
C LEU B 82 -3.77 9.92 -20.90
N LYS B 83 -4.29 8.76 -21.26
CA LYS B 83 -5.13 8.61 -22.44
C LYS B 83 -6.56 8.83 -22.01
N LEU B 84 -7.24 9.77 -22.64
CA LEU B 84 -8.60 10.13 -22.25
C LEU B 84 -9.63 9.48 -23.15
N ASN B 85 -10.85 9.38 -22.62
CA ASN B 85 -11.99 8.90 -23.40
C ASN B 85 -12.50 9.98 -24.35
N THR B 86 -12.29 11.25 -24.01
CA THR B 86 -12.73 12.37 -24.80
C THR B 86 -11.53 13.28 -25.05
N ASN B 87 -11.75 14.32 -25.86
CA ASN B 87 -10.73 15.35 -26.06
C ASN B 87 -10.88 16.50 -25.08
N ALA B 88 -11.64 16.30 -24.00
CA ALA B 88 -11.83 17.30 -22.97
C ALA B 88 -10.93 16.97 -21.78
N ALA B 89 -10.30 18.00 -21.22
CA ALA B 89 -9.45 17.80 -20.06
C ALA B 89 -10.28 17.27 -18.89
N PRO B 90 -9.74 16.35 -18.10
CA PRO B 90 -10.45 15.90 -16.90
C PRO B 90 -10.63 17.06 -15.93
N SER B 91 -11.72 17.04 -15.19
CA SER B 91 -12.02 18.15 -14.30
C SER B 91 -10.97 18.22 -13.18
N LEU B 92 -10.53 17.07 -12.69
CA LEU B 92 -9.51 16.97 -11.63
C LEU B 92 -9.76 17.98 -10.52
N GLU B 93 -10.97 17.93 -9.97
CA GLU B 93 -11.35 18.85 -8.92
C GLU B 93 -10.49 18.62 -7.67
N SER B 94 -10.46 19.63 -6.81
CA SER B 94 -9.65 19.57 -5.60
C SER B 94 -9.99 18.34 -4.77
N SER B 95 -11.28 18.04 -4.63
CA SER B 95 -11.69 16.84 -3.90
C SER B 95 -11.08 15.58 -4.52
N VAL B 96 -11.03 15.52 -5.86
CA VAL B 96 -10.44 14.37 -6.53
C VAL B 96 -8.92 14.35 -6.34
N LEU B 97 -8.27 15.51 -6.51
CA LEU B 97 -6.83 15.57 -6.32
C LEU B 97 -6.47 15.29 -4.86
N SER B 98 -7.31 15.75 -3.92
CA SER B 98 -7.10 15.44 -2.52
C SER B 98 -7.16 13.95 -2.26
N ARG B 99 -8.12 13.27 -2.91
CA ARG B 99 -8.20 11.82 -2.80
C ARG B 99 -6.95 11.15 -3.38
N LEU B 100 -6.44 11.68 -4.50
CA LEU B 100 -5.20 11.15 -5.05
C LEU B 100 -4.04 11.35 -4.08
N CYS B 101 -3.97 12.51 -3.42
CA CYS B 101 -2.95 12.75 -2.41
C CYS B 101 -2.95 11.65 -1.35
N HIS B 102 -4.13 11.40 -0.77
CA HIS B 102 -4.24 10.37 0.26
C HIS B 102 -3.74 9.04 -0.25
N ARG B 103 -4.19 8.63 -1.44
CA ARG B 103 -3.77 7.36 -2.00
C ARG B 103 -2.26 7.36 -2.27
N ILE B 104 -1.76 8.44 -2.87
CA ILE B 104 -0.33 8.53 -3.14
C ILE B 104 0.45 8.47 -1.83
N PHE B 105 -0.04 9.17 -0.79
CA PHE B 105 0.66 9.15 0.48
C PHE B 105 0.57 7.79 1.15
N VAL B 106 -0.52 7.06 0.94
CA VAL B 106 -0.62 5.70 1.49
C VAL B 106 0.55 4.86 0.97
N HIS B 107 0.80 4.92 -0.34
CA HIS B 107 1.92 4.18 -0.89
C HIS B 107 3.26 4.76 -0.48
N ILE B 108 3.31 6.07 -0.25
CA ILE B 108 4.51 6.68 0.32
C ILE B 108 4.76 6.12 1.71
N LYS B 109 3.74 6.22 2.58
CA LYS B 109 3.85 5.67 3.93
C LYS B 109 4.21 4.19 3.88
N ASN B 110 3.67 3.46 2.91
CA ASN B 110 3.91 2.03 2.81
C ASN B 110 5.32 1.71 2.35
N SER B 111 6.07 2.69 1.85
CA SER B 111 7.45 2.45 1.48
C SER B 111 8.31 2.20 2.72
N SER B 112 7.82 2.59 3.89
CA SER B 112 8.48 2.43 5.18
C SER B 112 9.75 3.27 5.31
N VAL B 113 9.86 4.35 4.56
CA VAL B 113 11.03 5.23 4.64
C VAL B 113 10.73 6.55 5.34
N LEU B 114 9.48 6.84 5.68
CA LEU B 114 9.16 8.13 6.27
C LEU B 114 9.76 8.22 7.68
N PRO B 115 10.24 9.39 8.07
CA PRO B 115 10.77 9.57 9.42
C PRO B 115 9.68 9.66 10.46
N GLU B 116 10.07 9.38 11.71
CA GLU B 116 9.15 9.49 12.84
C GLU B 116 8.82 10.96 13.10
N GLY B 117 7.69 11.16 13.78
CA GLY B 117 7.26 12.49 14.13
C GLY B 117 6.19 13.03 13.19
N SER B 118 5.91 14.31 13.38
CA SER B 118 4.93 15.04 12.57
C SER B 118 5.66 15.85 11.52
N HIS B 119 5.30 15.65 10.25
CA HIS B 119 5.98 16.31 9.15
C HIS B 119 4.98 16.80 8.12
N LYS B 120 5.25 18.00 7.60
CA LYS B 120 4.45 18.59 6.54
C LYS B 120 5.10 18.26 5.20
N ILE B 121 4.38 17.52 4.36
CA ILE B 121 4.79 17.27 2.99
C ILE B 121 3.72 17.86 2.07
N HIS B 122 4.16 18.38 0.94
CA HIS B 122 3.30 19.09 0.03
C HIS B 122 3.18 18.32 -1.27
N PHE B 123 1.94 18.19 -1.75
CA PHE B 123 1.66 17.54 -3.02
C PHE B 123 1.24 18.64 -3.99
N PHE B 124 1.94 18.74 -5.10
CA PHE B 124 1.64 19.73 -6.12
C PHE B 124 1.18 19.03 -7.40
N PHE B 125 0.05 19.47 -7.94
CA PHE B 125 -0.49 18.94 -9.18
C PHE B 125 -0.29 19.98 -10.27
N THR B 126 0.66 19.73 -11.15
CA THR B 126 0.82 20.51 -12.36
C THR B 126 0.13 19.77 -13.50
N LEU B 127 -0.73 20.47 -14.22
CA LEU B 127 -1.59 19.86 -15.22
C LEU B 127 -1.18 20.33 -16.61
N LYS B 128 -1.35 19.44 -17.58
CA LYS B 128 -1.26 19.85 -18.97
C LYS B 128 -2.31 20.93 -19.23
N PRO B 129 -1.96 22.01 -19.92
CA PRO B 129 -2.94 23.10 -20.10
C PRO B 129 -4.25 22.65 -20.71
N GLU B 130 -4.19 21.81 -21.75
CA GLU B 130 -5.40 21.35 -22.41
C GLU B 130 -5.19 19.91 -22.89
N ALA B 131 -6.30 19.21 -23.07
CA ALA B 131 -6.24 17.89 -23.69
C ALA B 131 -5.91 18.06 -25.17
N VAL B 132 -4.97 17.27 -25.66
CA VAL B 132 -4.56 17.30 -27.06
C VAL B 132 -4.66 15.88 -27.60
N GLN B 133 -5.53 15.68 -28.59
CA GLN B 133 -5.74 14.38 -29.22
C GLN B 133 -6.01 13.29 -28.19
N GLY B 134 -6.85 13.63 -27.22
CA GLY B 134 -7.25 12.70 -26.17
C GLY B 134 -6.12 12.34 -25.23
N LYS B 135 -4.97 12.98 -25.38
CA LYS B 135 -3.82 12.74 -24.52
C LYS B 135 -3.71 13.89 -23.53
N TYR B 136 -3.81 13.58 -22.25
CA TYR B 136 -3.67 14.53 -21.16
C TYR B 136 -2.55 14.07 -20.25
N GLY B 137 -2.20 14.94 -19.32
CA GLY B 137 -1.17 14.59 -18.36
C GLY B 137 -1.14 15.52 -17.18
N PHE B 138 -0.72 15.00 -16.04
CA PHE B 138 -0.47 15.83 -14.88
C PHE B 138 0.70 15.24 -14.12
N HIS B 139 1.41 16.10 -13.39
CA HIS B 139 2.49 15.68 -12.52
C HIS B 139 2.04 15.88 -11.09
N VAL B 140 2.25 14.87 -10.26
CA VAL B 140 2.12 15.00 -8.82
C VAL B 140 3.52 15.22 -8.28
N LEU B 141 3.76 16.39 -7.74
CA LEU B 141 5.06 16.76 -7.20
C LEU B 141 5.01 16.67 -5.69
N ILE B 142 5.86 15.83 -5.12
CA ILE B 142 6.08 15.81 -3.68
C ILE B 142 7.54 16.20 -3.49
N PRO B 143 7.89 17.47 -3.72
CA PRO B 143 9.31 17.84 -3.76
C PRO B 143 9.98 17.79 -2.39
N GLY B 144 9.25 17.99 -1.31
CA GLY B 144 9.87 18.03 0.00
C GLY B 144 10.20 16.66 0.56
N LEU B 145 9.61 15.61 0.01
CA LEU B 145 9.84 14.25 0.49
C LEU B 145 11.07 13.70 -0.22
N LYS B 146 12.24 13.91 0.38
CA LYS B 146 13.49 13.44 -0.20
C LYS B 146 13.62 11.95 0.08
N MET B 147 13.74 11.16 -0.98
CA MET B 147 13.79 9.72 -0.86
C MET B 147 14.70 9.16 -1.93
N ALA B 148 15.14 7.92 -1.74
CA ALA B 148 15.99 7.29 -2.72
C ALA B 148 15.21 7.00 -4.00
N ALA B 149 15.94 6.90 -5.11
CA ALA B 149 15.29 6.55 -6.38
C ALA B 149 14.67 5.16 -6.31
N SER B 150 15.29 4.24 -5.57
CA SER B 150 14.67 2.93 -5.36
C SER B 150 13.36 3.07 -4.61
N THR B 151 13.33 3.92 -3.59
CA THR B 151 12.08 4.18 -2.87
C THR B 151 11.04 4.79 -3.81
N LYS B 152 11.46 5.73 -4.66
CA LYS B 152 10.54 6.30 -5.64
C LYS B 152 9.97 5.23 -6.56
N LYS B 153 10.84 4.35 -7.08
CA LYS B 153 10.38 3.30 -7.99
C LYS B 153 9.46 2.34 -7.27
N SER B 154 9.75 2.04 -6.00
CA SER B 154 8.90 1.15 -5.22
C SER B 154 7.53 1.78 -4.97
N ILE B 155 7.49 3.10 -4.76
CA ILE B 155 6.23 3.78 -4.56
C ILE B 155 5.44 3.83 -5.86
N ILE B 156 6.12 4.15 -6.97
CA ILE B 156 5.47 4.13 -8.28
C ILE B 156 4.92 2.73 -8.57
N ALA B 157 5.72 1.70 -8.27
CA ALA B 157 5.26 0.33 -8.48
C ALA B 157 4.08 -0.01 -7.57
N SER B 158 4.15 0.44 -6.32
CA SER B 158 3.04 0.20 -5.39
C SER B 158 1.77 0.89 -5.89
N LEU B 159 1.91 2.07 -6.49
CA LEU B 159 0.75 2.81 -6.97
C LEU B 159 0.04 2.07 -8.09
N GLN B 160 0.77 1.25 -8.85
CA GLN B 160 0.15 0.50 -9.93
C GLN B 160 -0.93 -0.44 -9.41
N HIS B 161 -0.82 -0.89 -8.15
CA HIS B 161 -1.80 -1.79 -7.58
C HIS B 161 -2.93 -1.06 -6.87
N ASP B 162 -3.00 0.27 -6.99
CA ASP B 162 -4.03 1.04 -6.30
C ASP B 162 -5.27 1.05 -7.17
N ALA B 163 -6.27 0.24 -6.79
CA ALA B 163 -7.51 0.21 -7.54
C ALA B 163 -8.29 1.51 -7.37
N THR B 164 -8.09 2.21 -6.26
CA THR B 164 -8.79 3.47 -6.03
C THR B 164 -8.28 4.58 -6.95
N VAL B 165 -6.95 4.69 -7.09
CA VAL B 165 -6.40 5.64 -8.05
C VAL B 165 -6.89 5.33 -9.45
N GLN B 166 -6.90 4.04 -9.80
CA GLN B 166 -7.41 3.63 -11.09
C GLN B 166 -8.88 3.99 -11.24
N LYS B 167 -9.68 3.73 -10.20
CA LYS B 167 -11.09 4.08 -10.24
C LYS B 167 -11.28 5.59 -10.34
N ILE B 168 -10.48 6.36 -9.59
CA ILE B 168 -10.57 7.81 -9.66
C ILE B 168 -10.28 8.30 -11.07
N LEU B 169 -9.17 7.83 -11.65
CA LEU B 169 -8.79 8.28 -12.98
C LEU B 169 -9.79 7.78 -14.03
N HIS B 170 -10.28 6.55 -13.87
CA HIS B 170 -11.32 6.05 -14.76
C HIS B 170 -12.54 6.96 -14.71
N GLU B 171 -12.97 7.35 -13.51
CA GLU B 171 -14.08 8.28 -13.39
C GLU B 171 -13.75 9.67 -13.91
N GLN B 172 -12.46 9.97 -14.08
CA GLN B 172 -12.05 11.24 -14.67
C GLN B 172 -12.09 11.22 -16.18
N GLY B 173 -12.35 10.05 -16.79
CA GLY B 173 -12.31 9.92 -18.23
C GLY B 173 -11.04 9.33 -18.78
N VAL B 174 -10.16 8.81 -17.92
CA VAL B 174 -8.90 8.25 -18.36
C VAL B 174 -9.15 6.85 -18.90
N ALA B 175 -8.60 6.57 -20.08
CA ALA B 175 -8.79 5.28 -20.74
C ALA B 175 -7.67 4.30 -20.41
N ASN B 176 -6.57 4.76 -19.81
CA ASN B 176 -5.49 3.88 -19.41
C ASN B 176 -5.20 4.05 -17.92
N PRO B 177 -6.20 3.90 -17.04
CA PRO B 177 -5.96 4.18 -15.62
C PRO B 177 -5.00 3.20 -14.97
N GLU B 178 -4.83 2.01 -15.54
CA GLU B 178 -3.90 1.03 -15.02
C GLU B 178 -2.48 1.22 -15.55
N SER B 179 -2.30 2.03 -16.59
CA SER B 179 -0.98 2.20 -17.20
C SER B 179 -0.64 3.66 -17.45
N CYS B 180 -1.24 4.58 -16.71
CA CYS B 180 -1.01 6.00 -16.94
C CYS B 180 0.15 6.55 -16.11
N LEU B 181 0.43 5.95 -14.96
CA LEU B 181 1.57 6.38 -14.15
C LEU B 181 2.86 5.92 -14.83
N ASP B 182 3.65 6.88 -15.29
CA ASP B 182 4.89 6.59 -15.99
C ASP B 182 5.85 5.86 -15.06
N PRO B 183 6.26 4.62 -15.39
CA PRO B 183 7.20 3.91 -14.51
C PRO B 183 8.56 4.59 -14.42
N HIS B 184 8.89 5.47 -15.37
CA HIS B 184 10.15 6.20 -15.36
C HIS B 184 10.05 7.52 -14.58
N SER B 185 8.97 7.72 -13.83
CA SER B 185 8.80 8.96 -13.07
C SER B 185 9.97 9.19 -12.12
N ALA B 186 10.55 8.12 -11.59
CA ALA B 186 11.69 8.19 -10.68
C ALA B 186 13.00 8.46 -11.38
N SER B 187 13.06 8.29 -12.70
CA SER B 187 14.30 8.34 -13.46
C SER B 187 14.45 9.58 -14.33
N VAL B 188 13.38 9.98 -15.03
CA VAL B 188 13.46 11.06 -16.00
C VAL B 188 13.77 12.39 -15.31
N PRO B 189 14.47 13.30 -15.99
CA PRO B 189 14.63 14.64 -15.43
C PRO B 189 13.27 15.31 -15.34
N SER B 190 13.08 16.08 -14.28
CA SER B 190 11.80 16.71 -14.00
C SER B 190 11.84 18.15 -14.50
N LEU B 191 10.88 18.49 -15.35
CA LEU B 191 10.68 19.87 -15.77
C LEU B 191 10.57 20.76 -14.54
N LEU B 192 11.34 21.84 -14.52
CA LEU B 192 11.11 22.86 -13.51
C LEU B 192 9.80 23.57 -13.83
N TYR B 193 9.15 24.09 -12.79
CA TYR B 193 7.85 24.71 -12.99
C TYR B 193 7.97 25.91 -13.92
N GLY B 194 7.01 26.04 -14.84
CA GLY B 194 7.08 27.05 -15.87
C GLY B 194 7.85 26.64 -17.10
N SER B 195 8.67 25.59 -17.01
CA SER B 195 9.43 25.09 -18.14
C SER B 195 8.65 24.03 -18.89
N SER B 196 8.98 23.88 -20.17
CA SER B 196 8.27 22.96 -21.06
C SER B 196 9.28 22.10 -21.79
N LYS B 197 8.77 21.13 -22.53
CA LYS B 197 9.59 20.33 -23.44
C LYS B 197 9.79 21.08 -24.76
N ASN B 199 8.55 21.83 -27.98
CA ASN B 199 7.37 22.13 -28.77
C ASN B 199 6.09 21.84 -27.98
N HIS B 200 6.25 21.71 -26.67
CA HIS B 200 5.15 21.48 -25.76
C HIS B 200 4.93 22.70 -24.87
N ARG B 201 3.70 22.81 -24.34
CA ARG B 201 3.40 23.89 -23.41
C ARG B 201 3.76 23.48 -21.98
N PRO B 202 4.16 24.43 -21.15
CA PRO B 202 4.53 24.08 -19.77
C PRO B 202 3.32 23.65 -18.96
N TYR B 203 3.53 22.68 -18.08
CA TYR B 203 2.49 22.27 -17.15
C TYR B 203 2.16 23.41 -16.19
N GLN B 204 0.88 23.55 -15.86
CA GLN B 204 0.40 24.60 -14.98
C GLN B 204 -0.07 23.99 -13.67
N LEU B 205 0.42 24.54 -12.56
CA LEU B 205 0.00 24.10 -11.23
C LEU B 205 -1.48 24.40 -11.04
N LYS B 206 -2.30 23.36 -10.92
CA LYS B 206 -3.71 23.59 -10.59
C LYS B 206 -3.87 23.91 -9.12
N THR B 207 -3.34 23.05 -8.25
CA THR B 207 -3.41 23.28 -6.83
C THR B 207 -2.37 22.43 -6.13
N GLY B 208 -2.12 22.77 -4.87
CA GLY B 208 -1.22 21.99 -4.04
C GLY B 208 -1.90 21.66 -2.72
N PHE B 209 -1.48 20.55 -2.14
CA PHE B 209 -2.07 20.07 -0.90
C PHE B 209 -0.99 19.93 0.17
N GLU B 210 -1.35 20.35 1.38
CA GLU B 210 -0.50 20.24 2.55
C GLU B 210 -0.92 18.99 3.31
N LEU B 211 0.01 18.05 3.48
CA LEU B 211 -0.25 16.80 4.19
C LEU B 211 0.62 16.75 5.44
N VAL B 212 -0.01 16.53 6.59
CA VAL B 212 0.69 16.34 7.86
C VAL B 212 0.54 14.88 8.25
N PHE B 213 1.67 14.18 8.41
CA PHE B 213 1.64 12.81 8.91
C PHE B 213 2.39 12.76 10.23
N ASP B 214 1.77 12.14 11.23
CA ASP B 214 2.31 12.03 12.57
C ASP B 214 2.44 10.57 12.93
N SER B 215 3.66 10.15 13.29
CA SER B 215 3.85 8.78 13.74
C SER B 215 3.08 8.50 15.03
N SER B 216 2.81 9.54 15.83
CA SER B 216 2.02 9.38 17.05
C SER B 216 0.52 9.29 16.76
N ASP B 217 0.11 9.49 15.51
CA ASP B 217 -1.30 9.39 15.10
C ASP B 217 -1.34 8.99 13.63
N PRO B 218 -0.97 7.73 13.34
CA PRO B 218 -0.77 7.35 11.93
C PRO B 218 -2.04 7.40 11.11
N ASP B 219 -3.19 7.09 11.71
CA ASP B 219 -4.44 7.07 10.97
C ASP B 219 -4.95 8.46 10.62
N TYR B 220 -4.32 9.51 11.13
CA TYR B 220 -4.73 10.89 10.86
C TYR B 220 -3.86 11.44 9.75
N ILE B 221 -4.45 11.63 8.58
CA ILE B 221 -3.74 12.18 7.42
C ILE B 221 -4.49 13.42 6.95
N PRO B 222 -4.34 14.56 7.61
CA PRO B 222 -5.04 15.78 7.15
C PRO B 222 -4.43 16.26 5.84
N ILE B 223 -5.26 16.34 4.81
CA ILE B 223 -4.84 16.84 3.51
C ILE B 223 -5.68 18.08 3.23
N HIS B 224 -5.03 19.23 3.23
CA HIS B 224 -5.71 20.50 3.01
C HIS B 224 -5.02 21.24 1.88
N GLN B 225 -5.82 21.94 1.07
CA GLN B 225 -5.25 22.81 0.05
C GLN B 225 -4.33 23.83 0.70
N ILE B 226 -3.16 24.03 0.09
CA ILE B 226 -2.23 25.02 0.61
C ILE B 226 -2.79 26.41 0.39
N LYS B 227 -2.76 27.23 1.43
CA LYS B 227 -3.28 28.58 1.33
C LYS B 227 -2.22 29.47 0.71
N ASN B 228 -2.62 30.24 -0.32
CA ASN B 228 -1.75 31.20 -0.99
C ASN B 228 -0.47 30.56 -1.51
N ILE B 229 -0.66 29.60 -2.43
CA ILE B 229 0.48 28.96 -3.06
C ILE B 229 1.27 29.94 -3.92
N GLU B 230 0.58 30.91 -4.52
CA GLU B 230 1.20 31.86 -5.43
C GLU B 230 2.09 32.87 -4.71
N SER B 231 2.05 32.90 -3.38
CA SER B 231 2.92 33.81 -2.63
C SER B 231 4.34 33.27 -2.49
N TYR B 232 4.60 32.07 -2.99
CA TYR B 232 5.92 31.46 -2.92
C TYR B 232 6.55 31.40 -4.30
N ASN B 233 7.85 31.16 -4.32
CA ASN B 233 8.58 30.90 -5.56
C ASN B 233 8.23 29.49 -6.02
N LEU B 234 7.31 29.39 -6.98
CA LEU B 234 6.80 28.07 -7.36
C LEU B 234 7.87 27.21 -8.00
N VAL B 235 8.79 27.83 -8.76
CA VAL B 235 9.94 27.09 -9.27
C VAL B 235 10.74 26.51 -8.12
N SER B 236 11.01 27.32 -7.10
CA SER B 236 11.77 26.86 -5.95
C SER B 236 11.01 25.78 -5.18
N GLU B 237 9.73 26.03 -4.88
CA GLU B 237 9.00 25.14 -4.01
C GLU B 237 8.75 23.79 -4.66
N LEU B 238 8.53 23.76 -5.97
CA LEU B 238 8.19 22.52 -6.66
C LEU B 238 9.40 21.73 -7.10
N SER B 239 10.61 22.25 -6.89
CA SER B 239 11.81 21.58 -7.36
C SER B 239 12.10 20.34 -6.51
N LEU B 240 12.28 19.20 -7.17
CA LEU B 240 12.53 17.96 -6.46
C LEU B 240 13.87 17.97 -5.74
N THR B 241 14.84 18.73 -6.26
CA THR B 241 16.18 18.77 -5.69
C THR B 241 16.38 19.92 -4.72
N ASN B 242 15.47 20.90 -4.69
CA ASN B 242 15.62 22.03 -3.80
C ASN B 242 15.45 21.61 -2.35
N GLU B 243 16.29 22.14 -1.49
CA GLU B 243 16.15 21.95 -0.06
C GLU B 243 15.99 23.26 0.70
N GLN B 244 15.95 24.39 -0.01
CA GLN B 244 15.89 25.70 0.62
C GLN B 244 14.55 26.39 0.38
N GLY B 245 13.51 25.63 0.03
CA GLY B 245 12.20 26.22 -0.13
C GLY B 245 11.64 26.73 1.18
N SER B 246 10.73 27.70 1.07
CA SER B 246 10.09 28.28 2.24
C SER B 246 8.84 27.50 2.62
N LEU B 247 7.90 27.38 1.69
CA LEU B 247 6.73 26.52 1.93
C LEU B 247 7.13 25.06 2.03
N VAL B 248 7.94 24.60 1.08
CA VAL B 248 8.31 23.20 0.99
C VAL B 248 9.61 23.00 1.75
N ARG B 249 9.52 22.33 2.89
CA ARG B 249 10.69 22.03 3.70
C ARG B 249 11.04 20.55 3.57
N PRO B 250 12.30 20.22 3.29
CA PRO B 250 12.65 18.81 3.08
C PRO B 250 12.32 17.94 4.28
N VAL B 251 11.71 16.80 3.98
CA VAL B 251 11.48 15.74 4.95
C VAL B 251 12.23 14.52 4.42
N TYR B 252 13.31 14.14 5.09
CA TYR B 252 14.25 13.17 4.55
C TYR B 252 13.82 11.75 4.89
N CYS B 253 13.71 10.91 3.86
CA CYS B 253 13.37 9.51 4.03
C CYS B 253 14.63 8.67 4.14
N ALA B 254 14.53 7.57 4.89
CA ALA B 254 15.66 6.68 5.07
C ALA B 254 15.95 5.89 3.79
N SER C 2 -32.97 44.54 14.20
CA SER C 2 -33.08 43.62 15.32
C SER C 2 -34.46 43.72 15.97
N LEU C 3 -34.99 44.95 16.04
CA LEU C 3 -36.25 45.17 16.71
C LEU C 3 -37.41 44.54 15.95
N ALA C 4 -37.44 44.70 14.62
CA ALA C 4 -38.52 44.14 13.82
C ALA C 4 -38.48 42.62 13.81
N GLU C 5 -37.28 42.04 13.72
CA GLU C 5 -37.17 40.58 13.68
C GLU C 5 -37.59 39.94 14.99
N VAL C 6 -37.24 40.57 16.12
CA VAL C 6 -37.65 40.03 17.41
C VAL C 6 -39.14 40.26 17.62
N GLN C 7 -39.67 41.38 17.14
CA GLN C 7 -41.11 41.60 17.17
C GLN C 7 -41.84 40.50 16.41
N ALA C 8 -41.36 40.17 15.21
CA ALA C 8 -41.94 39.07 14.46
C ALA C 8 -41.83 37.76 15.23
N LEU C 9 -40.68 37.51 15.84
CA LEU C 9 -40.49 36.27 16.60
C LEU C 9 -41.35 36.26 17.86
N GLU C 10 -41.38 37.39 18.59
CA GLU C 10 -42.25 37.47 19.76
C GLU C 10 -43.71 37.22 19.38
N THR C 11 -44.15 37.80 18.26
CA THR C 11 -45.51 37.55 17.78
C THR C 11 -45.71 36.10 17.39
N LEU C 12 -44.72 35.52 16.69
CA LEU C 12 -44.82 34.11 16.30
C LEU C 12 -44.97 33.21 17.51
N LEU C 13 -44.20 33.49 18.57
CA LEU C 13 -44.29 32.67 19.78
C LEU C 13 -45.63 32.85 20.49
N ALA C 14 -46.13 34.09 20.52
CA ALA C 14 -47.34 34.37 21.30
C ALA C 14 -48.60 34.02 20.52
N ARG C 15 -48.61 34.25 19.21
CA ARG C 15 -49.83 34.09 18.42
C ARG C 15 -49.95 32.71 17.78
N GLU C 16 -48.84 32.15 17.29
CA GLU C 16 -48.87 30.90 16.55
C GLU C 16 -48.24 29.74 17.31
N LEU C 17 -47.08 29.94 17.91
CA LEU C 17 -46.40 28.86 18.62
C LEU C 17 -46.93 28.64 20.03
N SER C 18 -47.95 29.39 20.44
CA SER C 18 -48.52 29.18 21.76
C SER C 18 -49.32 27.88 21.84
N VAL C 19 -49.85 27.41 20.70
CA VAL C 19 -50.61 26.17 20.69
C VAL C 19 -49.74 24.95 20.89
N PHE C 20 -48.42 25.10 20.79
CA PHE C 20 -47.47 24.01 21.00
C PHE C 20 -46.79 24.09 22.35
N LEU C 21 -47.32 24.90 23.27
CA LEU C 21 -46.78 25.00 24.61
C LEU C 21 -46.91 23.67 25.35
N THR C 22 -46.03 23.48 26.33
CA THR C 22 -46.06 22.29 27.18
C THR C 22 -45.84 22.70 28.63
N GLU C 23 -46.34 21.87 29.55
CA GLU C 23 -46.12 22.10 30.96
C GLU C 23 -44.68 21.79 31.31
N PRO C 24 -44.19 22.29 32.45
CA PRO C 24 -42.80 22.03 32.84
C PRO C 24 -42.60 20.55 33.12
N GLY C 25 -41.60 19.96 32.47
CA GLY C 25 -41.28 18.56 32.63
C GLY C 25 -42.05 17.66 31.68
N SER C 26 -42.07 18.03 30.41
CA SER C 26 -42.78 17.29 29.37
C SER C 26 -41.77 16.59 28.47
N LYS C 27 -41.95 15.28 28.28
CA LYS C 27 -41.07 14.52 27.41
C LYS C 27 -41.22 14.94 25.95
N LYS C 28 -42.33 15.58 25.59
CA LYS C 28 -42.56 16.03 24.23
C LYS C 28 -41.95 17.40 23.94
N THR C 29 -41.45 18.09 24.97
CA THR C 29 -40.87 19.41 24.78
C THR C 29 -39.57 19.32 23.99
N ASN C 30 -39.46 20.09 22.92
CA ASN C 30 -38.24 20.15 22.13
C ASN C 30 -37.55 21.51 22.14
N ILE C 31 -38.26 22.59 22.43
CA ILE C 31 -37.69 23.93 22.44
C ILE C 31 -37.96 24.58 23.79
N ILE C 32 -36.94 25.22 24.36
CA ILE C 32 -37.05 25.92 25.63
C ILE C 32 -36.66 27.37 25.41
N ASN C 33 -37.51 28.29 25.86
CA ASN C 33 -37.19 29.71 25.86
C ASN C 33 -36.76 30.04 27.29
N ARG C 34 -35.43 30.04 27.51
CA ARG C 34 -34.90 30.24 28.86
C ARG C 34 -35.34 31.57 29.46
N ILE C 35 -35.48 32.61 28.64
CA ILE C 35 -35.78 33.94 29.17
C ILE C 35 -37.23 34.03 29.64
N THR C 36 -38.16 33.34 28.97
CA THR C 36 -39.56 33.35 29.40
C THR C 36 -39.93 32.11 30.21
N GLY C 37 -39.06 31.10 30.26
CA GLY C 37 -39.39 29.84 30.90
C GLY C 37 -40.35 28.96 30.15
N LYS C 38 -40.98 29.47 29.10
CA LYS C 38 -41.95 28.67 28.36
C LYS C 38 -41.26 27.57 27.56
N THR C 39 -41.83 26.37 27.60
CA THR C 39 -41.34 25.22 26.86
C THR C 39 -42.33 24.90 25.74
N TYR C 40 -41.82 24.46 24.60
CA TYR C 40 -42.63 24.23 23.43
C TYR C 40 -42.37 22.83 22.87
N ALA C 41 -43.37 22.29 22.19
CA ALA C 41 -43.30 21.00 21.51
C ALA C 41 -43.61 21.23 20.04
N LEU C 42 -42.63 21.75 19.31
CA LEU C 42 -42.84 22.06 17.90
C LEU C 42 -42.92 20.78 17.09
N PRO C 43 -43.93 20.63 16.23
CA PRO C 43 -43.86 19.59 15.20
C PRO C 43 -42.81 19.95 14.17
N SER C 44 -42.50 18.98 13.31
CA SER C 44 -41.47 19.18 12.29
C SER C 44 -41.83 20.33 11.36
N THR C 45 -43.13 20.58 11.14
CA THR C 45 -43.55 21.61 10.20
C THR C 45 -43.18 23.00 10.69
N GLU C 46 -43.30 23.25 12.00
CA GLU C 46 -43.04 24.57 12.55
C GLU C 46 -41.57 24.81 12.83
N LEU C 47 -40.75 23.76 12.90
CA LEU C 47 -39.35 23.92 13.25
C LEU C 47 -38.61 24.81 12.26
N LEU C 48 -38.80 24.57 10.96
CA LEU C 48 -38.09 25.34 9.95
C LEU C 48 -38.50 26.80 9.97
N ARG C 49 -39.80 27.06 10.12
CA ARG C 49 -40.27 28.44 10.21
C ARG C 49 -39.81 29.09 11.51
N PHE C 50 -39.84 28.35 12.61
CA PHE C 50 -39.28 28.84 13.87
C PHE C 50 -37.80 29.17 13.71
N TYR C 51 -37.04 28.26 13.11
CA TYR C 51 -35.61 28.49 12.93
C TYR C 51 -35.35 29.67 11.99
N GLU C 52 -36.20 29.87 11.00
CA GLU C 52 -36.03 31.01 10.10
C GLU C 52 -36.17 32.33 10.84
N HIS C 53 -37.10 32.40 11.80
CA HIS C 53 -37.26 33.61 12.59
C HIS C 53 -36.06 33.83 13.51
N LEU C 54 -35.57 32.77 14.14
CA LEU C 54 -34.40 32.90 15.01
C LEU C 54 -33.18 33.35 14.21
N GLU C 55 -33.02 32.82 13.00
CA GLU C 55 -31.90 33.23 12.15
C GLU C 55 -32.00 34.70 11.79
N GLN C 56 -33.19 35.17 11.45
CA GLN C 56 -33.39 36.59 11.18
C GLN C 56 -33.00 37.43 12.40
N CYS C 57 -33.42 37.00 13.59
CA CYS C 57 -32.99 37.68 14.81
C CYS C 57 -31.48 37.55 15.00
N ARG C 58 -30.93 36.37 14.71
CA ARG C 58 -29.51 36.13 14.94
C ARG C 58 -28.64 36.99 14.02
N LYS C 59 -29.03 37.11 12.75
CA LYS C 59 -28.24 37.92 11.82
C LYS C 59 -28.25 39.39 12.20
N GLN C 60 -29.18 39.82 13.06
CA GLN C 60 -29.25 41.19 13.55
C GLN C 60 -28.69 41.31 14.96
N GLY C 61 -27.95 40.31 15.43
CA GLY C 61 -27.32 40.38 16.74
C GLY C 61 -28.27 40.38 17.91
N ALA C 62 -29.51 39.94 17.71
CA ALA C 62 -30.50 39.94 18.79
C ALA C 62 -30.12 38.94 19.87
N LEU C 63 -30.48 39.27 21.10
CA LEU C 63 -30.22 38.41 22.25
C LEU C 63 -31.34 37.39 22.38
N MET C 64 -31.00 36.11 22.18
CA MET C 64 -31.96 35.02 22.31
C MET C 64 -31.45 34.03 23.34
N TYR C 65 -32.36 33.21 23.86
CA TYR C 65 -32.05 32.27 24.92
C TYR C 65 -32.76 30.95 24.67
N PHE C 66 -32.86 30.56 23.41
CA PHE C 66 -33.56 29.33 23.06
C PHE C 66 -32.64 28.14 23.18
N LEU C 67 -33.12 27.08 23.81
CA LEU C 67 -32.42 25.80 23.87
C LEU C 67 -33.31 24.72 23.27
N GLU C 68 -32.69 23.72 22.66
CA GLU C 68 -33.39 22.54 22.20
C GLU C 68 -33.08 21.37 23.11
N ARG C 69 -34.11 20.58 23.42
CA ARG C 69 -33.92 19.38 24.22
C ARG C 69 -33.38 18.27 23.32
N GLN C 70 -32.27 17.66 23.75
CA GLN C 70 -31.66 16.61 22.94
C GLN C 70 -32.56 15.38 22.87
N GLY C 71 -33.38 15.16 23.88
CA GLY C 71 -34.22 13.97 23.90
C GLY C 71 -33.39 12.71 23.96
N THR C 72 -33.85 11.67 23.26
CA THR C 72 -33.19 10.38 23.22
C THR C 72 -32.58 10.04 21.87
N TYR C 73 -32.83 10.86 20.84
CA TYR C 73 -32.31 10.59 19.50
C TYR C 73 -32.20 11.94 18.79
N SER C 74 -30.98 12.47 18.70
CA SER C 74 -30.74 13.76 18.08
C SER C 74 -29.26 13.90 17.78
N GLY C 75 -28.88 15.06 17.26
CA GLY C 75 -27.48 15.32 16.97
C GLY C 75 -26.64 15.41 18.23
N LEU C 76 -25.34 15.26 18.04
CA LEU C 76 -24.39 15.27 19.13
C LEU C 76 -23.80 16.66 19.30
N MET C 77 -23.74 17.11 20.56
CA MET C 77 -23.13 18.43 20.88
C MET C 77 -22.11 18.23 22.01
N LEU C 78 -20.88 18.69 21.81
CA LEU C 78 -19.82 18.57 22.79
C LEU C 78 -19.58 19.94 23.44
N ASP C 79 -19.71 19.99 24.76
CA ASP C 79 -19.60 21.24 25.53
C ASP C 79 -18.24 21.26 26.21
N TYR C 80 -17.30 22.01 25.64
CA TYR C 80 -15.94 22.12 26.17
C TYR C 80 -15.85 23.36 27.04
N ASP C 81 -15.65 23.17 28.34
CA ASP C 81 -15.47 24.25 29.31
C ASP C 81 -13.98 24.32 29.63
N LEU C 82 -13.29 25.30 29.07
CA LEU C 82 -11.83 25.36 29.09
C LEU C 82 -11.34 26.29 30.20
N LYS C 83 -10.42 25.78 31.01
CA LYS C 83 -9.64 26.61 31.92
C LYS C 83 -8.28 26.86 31.26
N LEU C 84 -7.94 28.14 31.07
CA LEU C 84 -6.77 28.52 30.30
C LEU C 84 -5.60 28.87 31.21
N ASN C 85 -4.39 28.77 30.64
CA ASN C 85 -3.19 29.13 31.39
C ASN C 85 -3.03 30.65 31.50
N THR C 86 -3.43 31.39 30.47
CA THR C 86 -3.34 32.85 30.50
C THR C 86 -4.70 33.49 30.26
N ALA C 89 -6.30 33.93 25.12
CA ALA C 89 -7.27 33.04 24.51
C ALA C 89 -6.59 32.06 23.55
N PRO C 90 -7.03 30.80 23.55
CA PRO C 90 -6.48 29.84 22.60
C PRO C 90 -6.83 30.22 21.16
N SER C 91 -5.89 29.93 20.25
CA SER C 91 -6.07 30.30 18.86
C SER C 91 -7.17 29.47 18.20
N LEU C 92 -7.28 28.20 18.57
CA LEU C 92 -8.24 27.26 17.99
C LEU C 92 -8.27 27.38 16.47
N GLU C 93 -7.10 27.20 15.87
CA GLU C 93 -6.97 27.32 14.42
C GLU C 93 -7.75 26.21 13.72
N SER C 94 -8.06 26.46 12.45
CA SER C 94 -8.85 25.51 11.66
C SER C 94 -8.19 24.14 11.62
N SER C 95 -6.87 24.10 11.40
CA SER C 95 -6.15 22.83 11.40
C SER C 95 -6.32 22.10 12.73
N VAL C 96 -6.31 22.83 13.84
CA VAL C 96 -6.48 22.22 15.14
C VAL C 96 -7.92 21.72 15.32
N LEU C 97 -8.90 22.53 14.92
CA LEU C 97 -10.29 22.09 15.01
C LEU C 97 -10.56 20.93 14.07
N SER C 98 -9.92 20.92 12.90
CA SER C 98 -10.07 19.80 11.98
C SER C 98 -9.53 18.51 12.59
N ARG C 99 -8.40 18.59 13.29
CA ARG C 99 -7.89 17.41 13.99
C ARG C 99 -8.86 16.96 15.07
N LEU C 100 -9.49 17.91 15.76
CA LEU C 100 -10.51 17.57 16.74
C LEU C 100 -11.68 16.84 16.09
N CYS C 101 -12.11 17.29 14.91
CA CYS C 101 -13.15 16.58 14.16
C CYS C 101 -12.78 15.13 13.97
N HIS C 102 -11.58 14.88 13.45
CA HIS C 102 -11.11 13.51 13.23
C HIS C 102 -11.15 12.71 14.54
N ARG C 103 -10.60 13.28 15.61
CA ARG C 103 -10.60 12.59 16.89
C ARG C 103 -12.00 12.33 17.40
N ILE C 104 -12.88 13.33 17.28
CA ILE C 104 -14.28 13.14 17.67
C ILE C 104 -14.92 12.06 16.81
N PHE C 105 -14.62 12.07 15.51
CA PHE C 105 -15.19 11.05 14.63
C PHE C 105 -14.62 9.67 14.91
N VAL C 106 -13.37 9.59 15.37
CA VAL C 106 -12.81 8.29 15.73
C VAL C 106 -13.65 7.63 16.81
N HIS C 107 -13.99 8.39 17.85
CA HIS C 107 -14.85 7.86 18.90
C HIS C 107 -16.28 7.68 18.42
N ILE C 108 -16.72 8.51 17.47
CA ILE C 108 -18.03 8.32 16.84
C ILE C 108 -18.07 6.98 16.12
N LYS C 109 -17.12 6.75 15.21
CA LYS C 109 -17.08 5.50 14.47
C LYS C 109 -16.98 4.30 15.41
N ASN C 110 -16.21 4.41 16.49
CA ASN C 110 -16.02 3.28 17.39
C ASN C 110 -17.23 3.07 18.29
N SER C 111 -17.60 4.09 19.06
CA SER C 111 -18.72 3.98 19.99
C SER C 111 -20.08 3.98 19.31
N SER C 112 -20.18 4.46 18.08
CA SER C 112 -21.46 4.55 17.39
C SER C 112 -21.54 3.53 16.26
N VAL C 113 -22.78 3.29 15.82
CA VAL C 113 -23.06 2.39 14.70
C VAL C 113 -23.45 3.21 13.48
N LEU C 114 -22.45 3.71 12.76
CA LEU C 114 -22.72 4.54 11.59
C LEU C 114 -23.33 3.67 10.49
N PRO C 115 -24.23 4.25 9.69
CA PRO C 115 -24.82 3.47 8.59
C PRO C 115 -23.82 3.23 7.48
N GLU C 116 -24.09 2.20 6.70
CA GLU C 116 -23.22 1.86 5.58
C GLU C 116 -23.33 2.92 4.48
N GLY C 117 -22.30 3.00 3.66
CA GLY C 117 -22.26 3.94 2.56
C GLY C 117 -21.44 5.18 2.87
N SER C 118 -21.54 6.14 1.97
CA SER C 118 -20.84 7.42 2.10
C SER C 118 -21.83 8.46 2.61
N HIS C 119 -21.47 9.13 3.71
CA HIS C 119 -22.34 10.09 4.34
C HIS C 119 -21.53 11.32 4.76
N LYS C 120 -22.11 12.49 4.54
CA LYS C 120 -21.50 13.74 4.96
C LYS C 120 -21.99 14.10 6.36
N ILE C 121 -21.05 14.20 7.29
CA ILE C 121 -21.34 14.65 8.65
C ILE C 121 -20.62 15.97 8.86
N HIS C 122 -21.27 16.90 9.56
CA HIS C 122 -20.77 18.26 9.70
C HIS C 122 -20.45 18.54 11.16
N PHE C 123 -19.28 19.13 11.39
CA PHE C 123 -18.84 19.55 12.72
C PHE C 123 -18.81 21.06 12.73
N PHE C 124 -19.51 21.67 13.69
CA PHE C 124 -19.52 23.11 13.84
C PHE C 124 -18.90 23.48 15.18
N PHE C 125 -17.96 24.41 15.16
CA PHE C 125 -17.31 24.91 16.36
C PHE C 125 -17.82 26.32 16.62
N THR C 126 -18.68 26.46 17.62
CA THR C 126 -19.08 27.77 18.11
C THR C 126 -18.24 28.10 19.34
N LEU C 127 -17.63 29.28 19.32
CA LEU C 127 -16.62 29.66 20.30
C LEU C 127 -17.12 30.77 21.21
N LYS C 128 -16.67 30.74 22.46
CA LYS C 128 -16.88 31.86 23.34
C LYS C 128 -16.21 33.11 22.77
N PRO C 129 -16.89 34.26 22.76
CA PRO C 129 -16.30 35.47 22.18
C PRO C 129 -14.99 35.87 22.85
N GLU C 130 -14.91 35.71 24.17
CA GLU C 130 -13.79 36.16 24.99
C GLU C 130 -13.38 35.05 25.94
N ALA C 131 -12.12 35.10 26.34
CA ALA C 131 -11.61 34.27 27.42
C ALA C 131 -12.11 34.78 28.77
N GLY C 134 -9.98 34.08 32.54
CA GLY C 134 -9.16 32.94 32.18
C GLY C 134 -9.96 31.72 31.79
N LYS C 135 -11.28 31.90 31.69
CA LYS C 135 -12.20 30.83 31.34
C LYS C 135 -12.65 31.01 29.89
N TYR C 136 -12.39 30.00 29.07
CA TYR C 136 -12.82 29.97 27.68
C TYR C 136 -13.70 28.76 27.45
N GLY C 137 -14.34 28.72 26.27
CA GLY C 137 -15.21 27.62 25.93
C GLY C 137 -15.59 27.56 24.47
N PHE C 138 -15.86 26.35 23.98
CA PHE C 138 -16.40 26.18 22.64
C PHE C 138 -17.35 24.99 22.63
N HIS C 139 -18.28 25.02 21.68
CA HIS C 139 -19.19 23.91 21.45
C HIS C 139 -18.84 23.25 20.12
N VAL C 140 -18.76 21.93 20.12
CA VAL C 140 -18.69 21.14 18.90
C VAL C 140 -20.09 20.63 18.61
N LEU C 141 -20.68 21.11 17.53
CA LEU C 141 -22.02 20.70 17.13
C LEU C 141 -21.91 19.74 15.96
N ILE C 142 -22.42 18.53 16.14
CA ILE C 142 -22.58 17.57 15.06
C ILE C 142 -24.07 17.30 14.91
N PRO C 143 -24.84 18.28 14.41
CA PRO C 143 -26.30 18.15 14.47
C PRO C 143 -26.89 17.10 13.55
N GLY C 144 -26.26 16.82 12.40
CA GLY C 144 -26.83 15.87 11.47
C GLY C 144 -26.63 14.42 11.85
N LEU C 145 -25.69 14.14 12.74
CA LEU C 145 -25.38 12.77 13.15
C LEU C 145 -26.31 12.43 14.31
N LYS C 146 -27.48 11.89 13.97
CA LYS C 146 -28.49 11.56 14.95
C LYS C 146 -28.14 10.24 15.63
N MET C 147 -28.04 10.27 16.96
CA MET C 147 -27.65 9.10 17.74
C MET C 147 -28.41 9.11 19.05
N ALA C 148 -28.44 7.93 19.68
CA ALA C 148 -29.08 7.80 20.98
C ALA C 148 -28.26 8.54 22.04
N ALA C 149 -28.94 8.90 23.13
CA ALA C 149 -28.25 9.53 24.24
C ALA C 149 -27.19 8.60 24.82
N SER C 150 -27.46 7.30 24.82
CA SER C 150 -26.44 6.33 25.22
C SER C 150 -25.26 6.33 24.26
N THR C 151 -25.53 6.39 22.96
CA THR C 151 -24.46 6.48 21.98
C THR C 151 -23.66 7.76 22.17
N LYS C 152 -24.34 8.88 22.41
CA LYS C 152 -23.67 10.14 22.71
C LYS C 152 -22.80 10.00 23.96
N LYS C 153 -23.33 9.35 25.00
CA LYS C 153 -22.58 9.20 26.24
C LYS C 153 -21.33 8.36 26.03
N SER C 154 -21.42 7.32 25.18
CA SER C 154 -20.24 6.51 24.90
C SER C 154 -19.20 7.31 24.13
N ILE C 155 -19.66 8.20 23.24
CA ILE C 155 -18.75 9.07 22.51
C ILE C 155 -18.16 10.14 23.43
N ILE C 156 -18.99 10.75 24.27
CA ILE C 156 -18.50 11.76 25.22
C ILE C 156 -17.49 11.14 26.18
N ALA C 157 -17.80 9.95 26.70
CA ALA C 157 -16.89 9.31 27.65
C ALA C 157 -15.56 8.95 27.00
N SER C 158 -15.60 8.43 25.78
CA SER C 158 -14.37 8.13 25.07
C SER C 158 -13.60 9.41 24.73
N LEU C 159 -14.30 10.48 24.37
CA LEU C 159 -13.62 11.70 23.96
C LEU C 159 -12.90 12.38 25.12
N GLN C 160 -13.42 12.26 26.34
CA GLN C 160 -12.75 12.86 27.49
C GLN C 160 -11.40 12.20 27.76
N HIS C 161 -11.27 10.91 27.45
CA HIS C 161 -10.05 10.15 27.66
C HIS C 161 -9.15 10.10 26.44
N ASP C 162 -9.40 10.97 25.45
CA ASP C 162 -8.61 11.01 24.24
C ASP C 162 -7.32 11.76 24.55
N ALA C 163 -6.21 11.03 24.65
CA ALA C 163 -4.94 11.66 24.98
C ALA C 163 -4.47 12.63 23.90
N THR C 164 -4.87 12.39 22.65
CA THR C 164 -4.50 13.32 21.59
C THR C 164 -5.29 14.61 21.69
N VAL C 165 -6.59 14.51 21.96
CA VAL C 165 -7.41 15.69 22.22
C VAL C 165 -6.87 16.45 23.43
N GLN C 166 -6.50 15.72 24.49
CA GLN C 166 -5.91 16.36 25.66
C GLN C 166 -4.60 17.06 25.31
N LYS C 167 -3.75 16.41 24.52
CA LYS C 167 -2.51 17.04 24.09
C LYS C 167 -2.80 18.25 23.21
N ILE C 168 -3.79 18.15 22.33
CA ILE C 168 -4.17 19.26 21.47
C ILE C 168 -4.57 20.47 22.31
N LEU C 169 -5.46 20.24 23.28
CA LEU C 169 -5.94 21.34 24.12
C LEU C 169 -4.83 21.88 25.01
N HIS C 170 -3.99 21.00 25.54
CA HIS C 170 -2.83 21.45 26.32
C HIS C 170 -1.94 22.38 25.51
N GLU C 171 -1.64 22.01 24.27
CA GLU C 171 -0.83 22.86 23.41
C GLU C 171 -1.56 24.14 23.03
N GLN C 172 -2.89 24.18 23.21
CA GLN C 172 -3.66 25.39 22.98
C GLN C 172 -3.63 26.34 24.17
N GLY C 173 -3.05 25.93 25.30
CA GLY C 173 -3.06 26.72 26.51
C GLY C 173 -4.10 26.32 27.52
N VAL C 174 -4.77 25.20 27.32
CA VAL C 174 -5.82 24.75 28.23
C VAL C 174 -5.17 24.10 29.45
N ALA C 175 -5.62 24.48 30.64
CA ALA C 175 -5.07 23.96 31.88
C ALA C 175 -5.84 22.76 32.42
N ASN C 176 -7.03 22.47 31.91
CA ASN C 176 -7.83 21.33 32.35
C ASN C 176 -8.22 20.43 31.18
N PRO C 177 -7.24 19.94 30.41
CA PRO C 177 -7.60 19.16 29.21
C PRO C 177 -8.26 17.83 29.54
N GLU C 178 -8.07 17.30 30.73
CA GLU C 178 -8.72 16.06 31.14
C GLU C 178 -10.11 16.33 31.72
N CYS C 180 -12.34 18.91 30.79
CA CYS C 180 -12.89 20.11 30.18
C CYS C 180 -14.16 19.80 29.40
N LEU C 181 -14.26 18.59 28.89
CA LEU C 181 -15.45 18.15 28.17
C LEU C 181 -16.56 17.91 29.19
N ASP C 182 -17.60 18.73 29.11
CA ASP C 182 -18.72 18.65 30.05
C ASP C 182 -19.42 17.30 29.92
N PRO C 183 -19.46 16.50 30.99
CA PRO C 183 -20.16 15.21 30.91
C PRO C 183 -21.65 15.34 30.65
N HIS C 184 -22.22 16.52 30.85
CA HIS C 184 -23.63 16.76 30.58
C HIS C 184 -23.89 17.13 29.13
N SER C 185 -22.89 16.99 28.26
CA SER C 185 -23.07 17.34 26.85
C SER C 185 -24.17 16.50 26.22
N ALA C 186 -24.31 15.24 26.62
CA ALA C 186 -25.36 14.39 26.08
C ALA C 186 -26.72 14.65 26.72
N SER C 187 -26.74 15.32 27.88
CA SER C 187 -27.94 15.43 28.69
C SER C 187 -28.57 16.82 28.71
N VAL C 188 -27.77 17.87 28.88
CA VAL C 188 -28.30 19.21 29.03
C VAL C 188 -28.90 19.70 27.71
N PRO C 189 -29.96 20.51 27.75
CA PRO C 189 -30.44 21.13 26.51
C PRO C 189 -29.40 22.07 25.92
N SER C 190 -29.33 22.09 24.59
CA SER C 190 -28.35 22.88 23.88
C SER C 190 -28.99 24.15 23.32
N LEU C 191 -28.43 25.29 23.69
CA LEU C 191 -28.79 26.55 23.04
C LEU C 191 -28.60 26.40 21.54
N LEU C 192 -29.62 26.75 20.76
CA LEU C 192 -29.35 26.87 19.33
C LEU C 192 -28.50 28.10 19.07
N TYR C 193 -27.85 28.10 17.91
CA TYR C 193 -26.88 29.13 17.56
C TYR C 193 -27.53 30.50 17.57
N GLY C 194 -26.79 31.50 18.05
CA GLY C 194 -27.32 32.82 18.29
C GLY C 194 -27.95 33.02 19.64
N SER C 195 -28.32 31.93 20.31
CA SER C 195 -28.84 32.00 21.66
C SER C 195 -27.71 31.86 22.66
N SER C 196 -27.89 32.48 23.82
CA SER C 196 -26.88 32.48 24.87
C SER C 196 -27.53 32.15 26.20
N LYS C 197 -26.69 32.00 27.21
CA LYS C 197 -27.17 31.95 28.57
C LYS C 197 -27.42 33.37 29.09
N LEU C 198 -28.11 33.46 30.23
CA LEU C 198 -28.45 34.77 30.78
C LEU C 198 -27.17 35.54 31.13
N ASN C 199 -27.10 36.78 30.67
CA ASN C 199 -25.97 37.68 30.91
C ASN C 199 -24.67 37.16 30.29
N HIS C 200 -24.76 36.18 29.39
CA HIS C 200 -23.60 35.67 28.68
C HIS C 200 -23.71 36.04 27.21
N ARG C 201 -22.57 36.10 26.56
CA ARG C 201 -22.59 36.37 25.13
C ARG C 201 -22.81 35.07 24.36
N PRO C 202 -23.48 35.12 23.21
CA PRO C 202 -23.69 33.88 22.46
C PRO C 202 -22.39 33.36 21.87
N TYR C 203 -22.27 32.04 21.83
CA TYR C 203 -21.13 31.44 21.17
C TYR C 203 -21.18 31.79 19.69
N GLN C 204 -20.01 32.07 19.12
CA GLN C 204 -19.90 32.48 17.72
C GLN C 204 -19.25 31.34 16.93
N LEU C 205 -19.89 30.97 15.82
CA LEU C 205 -19.35 29.94 14.95
C LEU C 205 -18.05 30.43 14.31
N LYS C 206 -16.93 29.80 14.67
CA LYS C 206 -15.68 30.13 14.01
C LYS C 206 -15.59 29.49 12.64
N THR C 207 -15.80 28.18 12.57
CA THR C 207 -15.77 27.48 11.30
C THR C 207 -16.50 26.15 11.46
N GLY C 208 -16.88 25.59 10.32
CA GLY C 208 -17.49 24.28 10.29
C GLY C 208 -16.77 23.39 9.30
N PHE C 209 -16.81 22.09 9.57
CA PHE C 209 -16.09 21.11 8.77
C PHE C 209 -17.05 20.06 8.24
N GLU C 210 -16.90 19.72 6.97
CA GLU C 210 -17.65 18.65 6.33
C GLU C 210 -16.79 17.39 6.32
N LEU C 211 -17.31 16.33 6.93
CA LEU C 211 -16.62 15.05 7.02
C LEU C 211 -17.38 14.00 6.23
N VAL C 212 -16.69 13.32 5.32
CA VAL C 212 -17.26 12.25 4.53
C VAL C 212 -16.70 10.94 5.06
N PHE C 213 -17.58 10.05 5.48
CA PHE C 213 -17.21 8.70 5.91
C PHE C 213 -17.83 7.70 4.96
N ASP C 214 -17.01 6.76 4.47
CA ASP C 214 -17.44 5.74 3.52
C ASP C 214 -17.15 4.38 4.11
N SER C 215 -18.18 3.54 4.22
CA SER C 215 -17.98 2.17 4.66
C SER C 215 -17.12 1.39 3.67
N SER C 216 -17.13 1.79 2.39
CA SER C 216 -16.30 1.15 1.38
C SER C 216 -14.85 1.63 1.44
N ASP C 217 -14.56 2.61 2.29
CA ASP C 217 -13.21 3.14 2.46
C ASP C 217 -13.08 3.69 3.88
N PRO C 218 -13.08 2.81 4.89
CA PRO C 218 -13.21 3.29 6.27
C PRO C 218 -12.03 4.13 6.74
N ASP C 219 -10.82 3.85 6.26
CA ASP C 219 -9.64 4.58 6.71
C ASP C 219 -9.53 5.98 6.12
N TYR C 220 -10.40 6.33 5.18
CA TYR C 220 -10.37 7.64 4.53
C TYR C 220 -11.39 8.56 5.20
N ILE C 221 -10.89 9.57 5.91
CA ILE C 221 -11.76 10.51 6.62
C ILE C 221 -11.43 11.93 6.13
N PRO C 222 -11.91 12.33 4.95
CA PRO C 222 -11.64 13.69 4.47
C PRO C 222 -12.44 14.72 5.25
N ILE C 223 -11.73 15.67 5.86
CA ILE C 223 -12.33 16.74 6.64
C ILE C 223 -12.00 18.06 5.96
N HIS C 224 -13.01 18.74 5.43
CA HIS C 224 -12.83 20.00 4.72
C HIS C 224 -13.71 21.06 5.36
N GLN C 225 -13.20 22.30 5.41
CA GLN C 225 -14.00 23.43 5.85
C GLN C 225 -15.23 23.57 4.96
N ILE C 226 -16.38 23.84 5.58
CA ILE C 226 -17.60 24.05 4.81
C ILE C 226 -17.48 25.35 4.02
N LYS C 227 -17.79 25.28 2.74
CA LYS C 227 -17.72 26.46 1.88
C LYS C 227 -19.00 27.28 2.03
N ASN C 228 -18.84 28.59 2.19
CA ASN C 228 -19.95 29.53 2.33
C ASN C 228 -20.93 29.06 3.41
N ILE C 229 -20.41 28.95 4.63
CA ILE C 229 -21.23 28.51 5.75
C ILE C 229 -22.30 29.56 6.08
N GLU C 230 -22.00 30.84 5.86
CA GLU C 230 -22.95 31.90 6.18
C GLU C 230 -24.11 31.97 5.20
N SER C 231 -24.07 31.22 4.11
CA SER C 231 -25.16 31.20 3.15
C SER C 231 -26.32 30.32 3.58
N TYR C 232 -26.20 29.64 4.72
CA TYR C 232 -27.23 28.75 5.24
C TYR C 232 -27.87 29.35 6.48
N ASN C 233 -29.03 28.80 6.83
CA ASN C 233 -29.69 29.14 8.10
C ASN C 233 -28.93 28.44 9.21
N LEU C 234 -28.05 29.17 9.88
CA LEU C 234 -27.17 28.56 10.87
C LEU C 234 -27.93 28.02 12.07
N VAL C 235 -29.02 28.67 12.48
CA VAL C 235 -29.86 28.12 13.53
C VAL C 235 -30.41 26.76 13.11
N SER C 236 -30.94 26.69 11.90
CA SER C 236 -31.51 25.44 11.39
C SER C 236 -30.42 24.38 11.22
N GLU C 237 -29.29 24.76 10.60
CA GLU C 237 -28.29 23.76 10.27
C GLU C 237 -27.61 23.21 11.52
N LEU C 238 -27.41 24.05 12.54
CA LEU C 238 -26.70 23.64 13.74
C LEU C 238 -27.60 23.01 14.78
N SER C 239 -28.91 22.93 14.53
CA SER C 239 -29.83 22.39 15.51
C SER C 239 -29.70 20.87 15.60
N LEU C 240 -29.48 20.36 16.82
CA LEU C 240 -29.29 18.92 16.99
C LEU C 240 -30.57 18.14 16.68
N THR C 241 -31.73 18.75 16.84
CA THR C 241 -32.99 18.07 16.60
C THR C 241 -33.52 18.30 15.20
N ASN C 242 -32.97 19.26 14.47
CA ASN C 242 -33.42 19.54 13.13
C ASN C 242 -33.08 18.41 12.18
N GLU C 243 -34.05 18.04 11.34
CA GLU C 243 -33.84 17.08 10.28
C GLU C 243 -34.11 17.68 8.90
N GLN C 244 -34.43 18.96 8.83
CA GLN C 244 -34.79 19.62 7.57
C GLN C 244 -33.75 20.64 7.13
N GLY C 245 -32.51 20.53 7.63
CA GLY C 245 -31.47 21.41 7.17
C GLY C 245 -31.10 21.13 5.72
N SER C 246 -30.56 22.16 5.07
CA SER C 246 -30.12 22.04 3.68
C SER C 246 -28.68 21.53 3.63
N LEU C 247 -27.77 22.26 4.27
CA LEU C 247 -26.39 21.79 4.39
C LEU C 247 -26.32 20.54 5.25
N VAL C 248 -26.95 20.57 6.42
CA VAL C 248 -26.88 19.49 7.38
C VAL C 248 -28.04 18.53 7.11
N ARG C 249 -27.71 17.37 6.56
CA ARG C 249 -28.70 16.33 6.29
C ARG C 249 -28.56 15.22 7.31
N PRO C 250 -29.64 14.79 7.95
CA PRO C 250 -29.53 13.78 9.01
C PRO C 250 -28.89 12.50 8.50
N VAL C 251 -27.93 11.98 9.28
CA VAL C 251 -27.35 10.66 9.07
C VAL C 251 -27.62 9.84 10.33
N TYR C 252 -28.43 8.80 10.19
CA TYR C 252 -28.98 8.08 11.32
C TYR C 252 -28.07 6.95 11.78
N CYS C 253 -27.77 6.93 13.07
CA CYS C 253 -26.96 5.87 13.67
C CYS C 253 -27.85 4.74 14.17
N SER D 2 28.21 -45.19 -21.81
CA SER D 2 29.05 -44.01 -21.91
C SER D 2 30.03 -44.12 -23.07
N LEU D 3 30.52 -45.34 -23.31
CA LEU D 3 31.49 -45.53 -24.38
C LEU D 3 30.88 -45.24 -25.74
N ALA D 4 29.64 -45.71 -25.98
CA ALA D 4 28.99 -45.44 -27.25
C ALA D 4 28.65 -43.95 -27.40
N GLU D 5 28.22 -43.31 -26.32
CA GLU D 5 27.89 -41.89 -26.40
C GLU D 5 29.11 -41.05 -26.68
N VAL D 6 30.26 -41.42 -26.13
CA VAL D 6 31.49 -40.67 -26.37
C VAL D 6 32.05 -41.00 -27.75
N GLN D 7 31.92 -42.26 -28.18
CA GLN D 7 32.33 -42.61 -29.53
C GLN D 7 31.54 -41.84 -30.56
N ALA D 8 30.23 -41.66 -30.33
CA ALA D 8 29.42 -40.84 -31.22
C ALA D 8 29.87 -39.40 -31.20
N LEU D 9 30.22 -38.88 -30.02
CA LEU D 9 30.68 -37.50 -29.91
C LEU D 9 32.07 -37.34 -30.51
N GLU D 10 32.97 -38.28 -30.25
CA GLU D 10 34.31 -38.22 -30.83
C GLU D 10 34.25 -38.27 -32.35
N THR D 11 33.36 -39.11 -32.89
CA THR D 11 33.16 -39.15 -34.34
C THR D 11 32.55 -37.85 -34.84
N LEU D 12 31.53 -37.33 -34.13
CA LEU D 12 30.90 -36.09 -34.53
C LEU D 12 31.91 -34.95 -34.58
N LEU D 13 32.84 -34.91 -33.63
CA LEU D 13 33.83 -33.84 -33.61
C LEU D 13 34.82 -33.99 -34.76
N ALA D 14 35.26 -35.23 -35.04
CA ALA D 14 36.28 -35.44 -36.04
C ALA D 14 35.70 -35.47 -37.46
N ARG D 15 34.52 -36.06 -37.63
CA ARG D 15 33.95 -36.24 -38.95
C ARG D 15 33.17 -35.01 -39.43
N GLU D 16 32.35 -34.41 -38.55
CA GLU D 16 31.43 -33.37 -38.95
C GLU D 16 31.78 -32.01 -38.38
N LEU D 17 32.07 -31.93 -37.08
CA LEU D 17 32.36 -30.65 -36.45
C LEU D 17 33.78 -30.17 -36.71
N SER D 18 34.58 -30.95 -37.44
CA SER D 18 35.94 -30.50 -37.76
C SER D 18 35.94 -29.32 -38.72
N VAL D 19 34.89 -29.21 -39.55
CA VAL D 19 34.83 -28.10 -40.51
C VAL D 19 34.66 -26.76 -39.81
N PHE D 20 34.24 -26.76 -38.55
CA PHE D 20 34.08 -25.54 -37.77
C PHE D 20 35.25 -25.30 -36.82
N LEU D 21 36.37 -25.98 -37.04
CA LEU D 21 37.55 -25.78 -36.20
C LEU D 21 38.11 -24.38 -36.41
N THR D 22 38.79 -23.89 -35.38
CA THR D 22 39.44 -22.59 -35.42
C THR D 22 40.85 -22.68 -34.88
N GLU D 23 41.75 -21.90 -35.46
CA GLU D 23 43.09 -21.78 -34.94
C GLU D 23 43.06 -21.13 -33.56
N PRO D 24 44.04 -21.42 -32.70
CA PRO D 24 44.07 -20.81 -31.37
C PRO D 24 44.18 -19.29 -31.47
N GLY D 25 43.22 -18.60 -30.85
CA GLY D 25 43.20 -17.15 -30.88
C GLY D 25 42.21 -16.59 -31.88
N SER D 26 41.09 -17.27 -32.04
CA SER D 26 40.04 -16.86 -32.98
C SER D 26 38.89 -16.23 -32.21
N LYS D 27 38.55 -14.99 -32.56
CA LYS D 27 37.41 -14.32 -31.95
C LYS D 27 36.10 -15.03 -32.27
N LYS D 28 36.07 -15.84 -33.33
CA LYS D 28 34.88 -16.59 -33.72
C LYS D 28 34.70 -17.87 -32.92
N THR D 29 35.68 -18.25 -32.08
CA THR D 29 35.59 -19.49 -31.33
C THR D 29 34.52 -19.40 -30.27
N ASN D 30 33.60 -20.37 -30.27
CA ASN D 30 32.56 -20.45 -29.25
C ASN D 30 32.64 -21.68 -28.37
N ILE D 31 33.25 -22.77 -28.85
CA ILE D 31 33.35 -24.01 -28.09
C ILE D 31 34.82 -24.39 -28.00
N ILE D 32 35.26 -24.74 -26.79
CA ILE D 32 36.64 -25.17 -26.53
C ILE D 32 36.59 -26.58 -25.96
N ASN D 33 37.38 -27.48 -26.54
CA ASN D 33 37.56 -28.81 -25.98
C ASN D 33 38.88 -28.78 -25.22
N ARG D 34 38.79 -28.58 -23.89
CA ARG D 34 39.99 -28.44 -23.09
C ARG D 34 40.90 -29.67 -23.18
N ILE D 35 40.32 -30.86 -23.33
CA ILE D 35 41.11 -32.08 -23.30
C ILE D 35 41.92 -32.23 -24.60
N THR D 36 41.37 -31.81 -25.74
CA THR D 36 42.10 -31.86 -27.00
C THR D 36 42.74 -30.54 -27.37
N GLY D 37 42.41 -29.45 -26.68
CA GLY D 37 42.88 -28.13 -27.04
C GLY D 37 42.25 -27.54 -28.28
N LYS D 38 41.48 -28.32 -29.05
CA LYS D 38 40.88 -27.82 -30.27
C LYS D 38 39.76 -26.83 -29.94
N THR D 39 39.72 -25.73 -30.69
CA THR D 39 38.69 -24.71 -30.55
C THR D 39 37.78 -24.74 -31.77
N TYR D 40 36.50 -24.48 -31.55
CA TYR D 40 35.49 -24.62 -32.59
C TYR D 40 34.65 -23.34 -32.69
N ALA D 41 34.10 -23.12 -33.87
CA ALA D 41 33.20 -22.00 -34.15
C ALA D 41 31.90 -22.60 -34.68
N LEU D 42 31.11 -23.15 -33.77
CA LEU D 42 29.85 -23.80 -34.16
C LEU D 42 28.81 -22.77 -34.55
N PRO D 43 28.19 -22.88 -35.71
CA PRO D 43 27.02 -22.06 -36.02
C PRO D 43 25.83 -22.50 -35.19
N SER D 44 24.77 -21.69 -35.23
CA SER D 44 23.58 -21.97 -34.42
C SER D 44 22.96 -23.31 -34.77
N THR D 45 23.09 -23.75 -36.03
CA THR D 45 22.46 -25.00 -36.45
C THR D 45 23.10 -26.21 -35.76
N GLU D 46 24.42 -26.20 -35.61
CA GLU D 46 25.11 -27.34 -35.03
C GLU D 46 25.13 -27.35 -33.52
N LEU D 47 24.84 -26.22 -32.88
CA LEU D 47 24.93 -26.12 -31.43
C LEU D 47 24.00 -27.11 -30.74
N LEU D 48 22.73 -27.17 -31.19
CA LEU D 48 21.76 -28.02 -30.53
C LEU D 48 22.13 -29.50 -30.66
N ARG D 49 22.57 -29.93 -31.85
CA ARG D 49 22.99 -31.31 -32.02
C ARG D 49 24.26 -31.60 -31.22
N PHE D 50 25.18 -30.65 -31.19
CA PHE D 50 26.35 -30.78 -30.33
C PHE D 50 25.94 -30.93 -28.87
N TYR D 51 25.03 -30.08 -28.40
CA TYR D 51 24.57 -30.18 -27.02
C TYR D 51 23.82 -31.49 -26.79
N GLU D 52 23.09 -31.97 -27.79
CA GLU D 52 22.40 -33.24 -27.65
C GLU D 52 23.40 -34.38 -27.47
N HIS D 53 24.52 -34.34 -28.20
CA HIS D 53 25.55 -35.35 -28.03
C HIS D 53 26.22 -35.22 -26.67
N LEU D 54 26.52 -33.99 -26.25
CA LEU D 54 27.12 -33.77 -24.94
C LEU D 54 26.19 -34.23 -23.84
N GLU D 55 24.89 -33.96 -23.98
CA GLU D 55 23.92 -34.42 -22.98
C GLU D 55 23.87 -35.94 -22.90
N GLN D 56 23.87 -36.62 -24.06
CA GLN D 56 23.91 -38.07 -24.05
C GLN D 56 25.13 -38.59 -23.30
N CYS D 57 26.29 -37.96 -23.53
CA CYS D 57 27.48 -38.31 -22.76
C CYS D 57 27.27 -37.98 -21.29
N ARG D 58 26.63 -36.84 -21.00
CA ARG D 58 26.47 -36.40 -19.62
C ARG D 58 25.58 -37.36 -18.83
N LYS D 59 24.46 -37.79 -19.41
CA LYS D 59 23.57 -38.71 -18.71
C LYS D 59 24.21 -40.07 -18.49
N GLN D 60 25.34 -40.37 -19.13
CA GLN D 60 26.10 -41.57 -18.87
C GLN D 60 27.37 -41.28 -18.07
N GLY D 61 27.43 -40.13 -17.42
CA GLY D 61 28.57 -39.80 -16.56
C GLY D 61 29.88 -39.66 -17.28
N ALA D 62 29.87 -39.44 -18.58
CA ALA D 62 31.10 -39.33 -19.35
C ALA D 62 31.91 -38.10 -18.90
N LEU D 63 33.22 -38.24 -18.95
CA LEU D 63 34.13 -37.17 -18.57
C LEU D 63 34.33 -36.27 -19.79
N MET D 64 33.87 -35.02 -19.69
CA MET D 64 34.02 -34.05 -20.75
C MET D 64 34.72 -32.81 -20.22
N TYR D 65 35.27 -32.03 -21.14
CA TYR D 65 36.06 -30.86 -20.81
C TYR D 65 35.71 -29.73 -21.75
N PHE D 66 34.44 -29.63 -22.12
CA PHE D 66 33.98 -28.62 -23.06
C PHE D 66 33.69 -27.31 -22.33
N LEU D 67 34.19 -26.21 -22.87
CA LEU D 67 33.87 -24.88 -22.40
C LEU D 67 33.27 -24.08 -23.54
N GLU D 68 32.37 -23.17 -23.21
CA GLU D 68 31.86 -22.21 -24.17
C GLU D 68 32.45 -20.84 -23.87
N ARG D 69 32.82 -20.12 -24.93
CA ARG D 69 33.34 -18.77 -24.78
C ARG D 69 32.18 -17.82 -24.55
N GLN D 70 32.26 -17.03 -23.48
CA GLN D 70 31.17 -16.12 -23.16
C GLN D 70 31.03 -15.02 -24.20
N GLY D 71 32.11 -14.68 -24.89
CA GLY D 71 32.06 -13.61 -25.87
C GLY D 71 31.72 -12.29 -25.20
N THR D 72 30.94 -11.47 -25.90
CA THR D 72 30.54 -10.16 -25.40
C THR D 72 29.05 -10.07 -25.10
N TYR D 73 28.26 -11.08 -25.44
CA TYR D 73 26.81 -11.04 -25.23
C TYR D 73 26.32 -12.47 -25.08
N SER D 74 26.07 -12.88 -23.84
CA SER D 74 25.62 -14.24 -23.56
C SER D 74 25.04 -14.29 -22.15
N GLY D 75 24.66 -15.49 -21.73
CA GLY D 75 24.11 -15.67 -20.40
C GLY D 75 25.12 -15.40 -19.31
N LEU D 76 24.59 -15.21 -18.10
CA LEU D 76 25.40 -14.87 -16.93
C LEU D 76 25.80 -16.13 -16.17
N MET D 77 27.08 -16.22 -15.82
CA MET D 77 27.59 -17.28 -14.96
C MET D 77 28.27 -16.64 -13.76
N LEU D 78 27.98 -17.14 -12.56
CA LEU D 78 28.63 -16.71 -11.34
C LEU D 78 29.47 -17.86 -10.82
N ASP D 79 30.77 -17.63 -10.68
CA ASP D 79 31.71 -18.66 -10.23
C ASP D 79 32.05 -18.37 -8.77
N TYR D 80 31.41 -19.11 -7.87
CA TYR D 80 31.59 -18.93 -6.43
C TYR D 80 32.62 -19.93 -5.95
N ASP D 81 33.78 -19.43 -5.51
CA ASP D 81 34.84 -20.26 -4.95
C ASP D 81 34.83 -20.09 -3.44
N LEU D 82 34.31 -21.09 -2.74
CA LEU D 82 34.05 -20.96 -1.30
C LEU D 82 35.18 -21.59 -0.50
N ALA D 89 30.80 -29.85 4.23
CA ALA D 89 30.28 -29.08 3.11
C ALA D 89 29.05 -28.27 3.51
N PRO D 90 28.95 -27.04 3.01
CA PRO D 90 27.75 -26.23 3.28
C PRO D 90 26.51 -26.87 2.68
N SER D 91 25.38 -26.68 3.36
CA SER D 91 24.15 -27.35 2.97
C SER D 91 23.59 -26.83 1.64
N LEU D 92 23.74 -25.53 1.42
CA LEU D 92 23.21 -24.88 0.19
C LEU D 92 21.78 -25.38 -0.07
N GLU D 93 20.90 -25.19 0.91
CA GLU D 93 19.52 -25.63 0.79
C GLU D 93 18.79 -24.82 -0.29
N SER D 94 17.69 -25.39 -0.80
CA SER D 94 16.94 -24.74 -1.85
C SER D 94 16.45 -23.36 -1.42
N SER D 95 15.94 -23.25 -0.19
CA SER D 95 15.53 -21.95 0.34
C SER D 95 16.68 -20.95 0.32
N VAL D 96 17.89 -21.41 0.66
CA VAL D 96 19.05 -20.53 0.64
C VAL D 96 19.42 -20.17 -0.79
N LEU D 97 19.41 -21.17 -1.69
CA LEU D 97 19.70 -20.90 -3.09
C LEU D 97 18.65 -19.99 -3.73
N SER D 98 17.39 -20.15 -3.32
CA SER D 98 16.33 -19.26 -3.82
C SER D 98 16.57 -17.83 -3.39
N ARG D 99 17.00 -17.63 -2.14
CA ARG D 99 17.33 -16.29 -1.68
C ARG D 99 18.50 -15.72 -2.47
N LEU D 100 19.48 -16.56 -2.82
CA LEU D 100 20.59 -16.11 -3.64
C LEU D 100 20.12 -15.65 -5.01
N CYS D 101 19.16 -16.36 -5.60
CA CYS D 101 18.55 -15.92 -6.86
C CYS D 101 18.00 -14.50 -6.73
N HIS D 102 17.18 -14.27 -5.70
CA HIS D 102 16.59 -12.95 -5.47
C HIS D 102 17.68 -11.88 -5.36
N ARG D 103 18.71 -12.15 -4.57
CA ARG D 103 19.79 -11.19 -4.40
C ARG D 103 20.53 -10.96 -5.72
N ILE D 104 20.81 -12.04 -6.45
CA ILE D 104 21.47 -11.88 -7.75
C ILE D 104 20.59 -11.11 -8.71
N PHE D 105 19.29 -11.38 -8.72
CA PHE D 105 18.39 -10.67 -9.63
C PHE D 105 18.22 -9.20 -9.24
N VAL D 106 18.31 -8.89 -7.94
CA VAL D 106 18.25 -7.49 -7.53
C VAL D 106 19.36 -6.69 -8.21
N HIS D 107 20.57 -7.24 -8.22
CA HIS D 107 21.67 -6.59 -8.92
C HIS D 107 21.49 -6.64 -10.43
N ILE D 108 20.86 -7.71 -10.93
CA ILE D 108 20.51 -7.78 -12.35
C ILE D 108 19.54 -6.66 -12.70
N LYS D 109 18.42 -6.58 -11.99
CA LYS D 109 17.45 -5.52 -12.26
C LYS D 109 18.10 -4.14 -12.17
N ASN D 110 19.00 -3.94 -11.21
CA ASN D 110 19.64 -2.65 -11.03
C ASN D 110 20.72 -2.38 -12.08
N SER D 111 21.78 -3.21 -12.08
CA SER D 111 22.90 -3.00 -13.00
C SER D 111 22.58 -3.31 -14.45
N SER D 112 21.55 -4.08 -14.74
CA SER D 112 21.22 -4.44 -16.12
C SER D 112 19.94 -3.73 -16.56
N VAL D 113 19.72 -3.74 -17.88
CA VAL D 113 18.52 -3.15 -18.46
C VAL D 113 17.60 -4.26 -18.93
N LEU D 114 16.80 -4.79 -18.01
CA LEU D 114 15.89 -5.87 -18.34
C LEU D 114 14.79 -5.35 -19.27
N PRO D 115 14.32 -6.18 -20.21
CA PRO D 115 13.26 -5.72 -21.11
C PRO D 115 11.92 -5.63 -20.41
N GLU D 116 11.04 -4.82 -21.01
CA GLU D 116 9.69 -4.67 -20.48
C GLU D 116 8.89 -5.96 -20.70
N GLY D 117 7.85 -6.13 -19.89
CA GLY D 117 7.00 -7.29 -19.99
C GLY D 117 7.32 -8.34 -18.96
N SER D 118 6.69 -9.49 -19.13
CA SER D 118 6.88 -10.64 -18.24
C SER D 118 7.84 -11.62 -18.90
N HIS D 119 8.90 -11.97 -18.18
CA HIS D 119 9.92 -12.88 -18.71
C HIS D 119 10.33 -13.85 -17.62
N LYS D 120 10.45 -15.12 -18.00
CA LYS D 120 10.93 -16.15 -17.10
C LYS D 120 12.44 -16.29 -17.29
N ILE D 121 13.19 -16.02 -16.23
CA ILE D 121 14.63 -16.23 -16.23
C ILE D 121 14.96 -17.32 -15.22
N HIS D 122 15.93 -18.17 -15.57
CA HIS D 122 16.22 -19.37 -14.81
C HIS D 122 17.61 -19.30 -14.19
N PHE D 123 17.68 -19.69 -12.92
CA PHE D 123 18.93 -19.78 -12.18
C PHE D 123 19.24 -21.26 -11.96
N PHE D 124 20.43 -21.68 -12.38
CA PHE D 124 20.87 -23.06 -12.16
C PHE D 124 22.08 -23.05 -11.25
N PHE D 125 22.02 -23.87 -10.21
CA PHE D 125 23.12 -24.01 -9.25
C PHE D 125 23.77 -25.36 -9.46
N THR D 126 24.96 -25.35 -10.04
CA THR D 126 25.80 -26.54 -10.14
C THR D 126 26.82 -26.47 -9.01
N LEU D 127 26.91 -27.56 -8.24
CA LEU D 127 27.70 -27.59 -7.03
C LEU D 127 28.91 -28.50 -7.20
N LYS D 128 30.01 -28.13 -6.56
CA LYS D 128 31.15 -29.02 -6.46
C LYS D 128 30.70 -30.31 -5.77
N PRO D 129 31.08 -31.49 -6.28
CA PRO D 129 30.57 -32.73 -5.68
C PRO D 129 30.89 -32.86 -4.21
N GLU D 130 32.11 -32.53 -3.80
CA GLU D 130 32.55 -32.67 -2.42
C GLU D 130 33.47 -31.50 -2.09
N ALA D 131 33.56 -31.19 -0.79
CA ALA D 131 34.51 -30.19 -0.32
C ALA D 131 35.94 -30.72 -0.41
N GLY D 134 38.96 -28.42 2.23
CA GLY D 134 38.26 -27.29 2.78
C GLY D 134 37.81 -26.28 1.74
N LYS D 135 38.01 -26.63 0.47
CA LYS D 135 37.64 -25.77 -0.65
C LYS D 135 36.37 -26.31 -1.30
N TYR D 136 35.32 -25.48 -1.34
CA TYR D 136 34.08 -25.81 -2.01
C TYR D 136 33.78 -24.77 -3.07
N GLY D 137 32.78 -25.05 -3.90
CA GLY D 137 32.40 -24.13 -4.96
C GLY D 137 31.07 -24.46 -5.60
N PHE D 138 30.39 -23.43 -6.12
CA PHE D 138 29.19 -23.65 -6.91
C PHE D 138 29.11 -22.59 -7.99
N HIS D 139 28.43 -22.94 -9.08
CA HIS D 139 28.17 -22.01 -10.18
C HIS D 139 26.70 -21.66 -10.19
N VAL D 140 26.40 -20.36 -10.31
CA VAL D 140 25.06 -19.88 -10.58
C VAL D 140 24.98 -19.58 -12.07
N LEU D 141 24.18 -20.35 -12.78
CA LEU D 141 24.04 -20.20 -14.22
C LEU D 141 22.70 -19.52 -14.51
N ILE D 142 22.76 -18.37 -15.17
CA ILE D 142 21.57 -17.72 -15.71
C ILE D 142 21.75 -17.65 -17.23
N PRO D 143 21.65 -18.79 -17.94
CA PRO D 143 22.02 -18.79 -19.35
C PRO D 143 21.06 -18.01 -20.24
N GLY D 144 19.79 -17.89 -19.86
CA GLY D 144 18.83 -17.21 -20.70
C GLY D 144 18.91 -15.70 -20.66
N LEU D 145 19.54 -15.13 -19.63
CA LEU D 145 19.65 -13.69 -19.48
C LEU D 145 20.87 -13.23 -20.26
N LYS D 146 20.68 -12.94 -21.53
CA LYS D 146 21.77 -12.51 -22.40
C LYS D 146 22.07 -11.04 -22.18
N MET D 147 23.30 -10.73 -21.79
CA MET D 147 23.69 -9.36 -21.49
C MET D 147 25.16 -9.17 -21.86
N ALA D 148 25.55 -7.91 -21.98
CA ALA D 148 26.92 -7.57 -22.33
C ALA D 148 27.88 -7.96 -21.19
N ALA D 149 29.15 -8.16 -21.56
CA ALA D 149 30.17 -8.44 -20.57
C ALA D 149 30.34 -7.29 -19.58
N SER D 150 30.17 -6.05 -20.04
CA SER D 150 30.17 -4.92 -19.12
C SER D 150 29.01 -5.02 -18.15
N THR D 151 27.83 -5.41 -18.64
CA THR D 151 26.70 -5.68 -17.75
C THR D 151 27.02 -6.81 -16.80
N LYS D 152 27.68 -7.86 -17.29
CA LYS D 152 28.10 -8.96 -16.44
C LYS D 152 29.03 -8.48 -15.34
N LYS D 153 30.03 -7.66 -15.70
CA LYS D 153 30.98 -7.17 -14.71
C LYS D 153 30.31 -6.26 -13.69
N SER D 154 29.35 -5.44 -14.12
CA SER D 154 28.66 -4.55 -13.19
C SER D 154 27.80 -5.34 -12.22
N ILE D 155 27.18 -6.43 -12.69
CA ILE D 155 26.39 -7.27 -11.79
C ILE D 155 27.30 -8.06 -10.86
N ILE D 156 28.38 -8.62 -11.41
CA ILE D 156 29.35 -9.34 -10.57
C ILE D 156 29.94 -8.44 -9.51
N ALA D 157 30.31 -7.21 -9.89
CA ALA D 157 30.87 -6.28 -8.92
C ALA D 157 29.85 -5.89 -7.86
N SER D 158 28.60 -5.65 -8.27
CA SER D 158 27.56 -5.35 -7.29
C SER D 158 27.29 -6.55 -6.38
N LEU D 159 27.34 -7.76 -6.93
CA LEU D 159 27.05 -8.95 -6.14
C LEU D 159 28.14 -9.22 -5.10
N GLN D 160 29.39 -8.85 -5.40
CA GLN D 160 30.46 -9.05 -4.43
C GLN D 160 30.26 -8.21 -3.18
N HIS D 161 29.64 -7.04 -3.32
CA HIS D 161 29.39 -6.12 -2.21
C HIS D 161 28.04 -6.33 -1.56
N ASP D 162 27.36 -7.43 -1.85
CA ASP D 162 26.03 -7.71 -1.31
C ASP D 162 26.18 -8.27 0.09
N ALA D 163 25.84 -7.45 1.09
CA ALA D 163 25.95 -7.89 2.48
C ALA D 163 25.00 -9.04 2.79
N THR D 164 23.87 -9.13 2.07
CA THR D 164 22.94 -10.23 2.30
C THR D 164 23.51 -11.54 1.80
N VAL D 165 24.11 -11.54 0.60
CA VAL D 165 24.78 -12.72 0.09
C VAL D 165 25.94 -13.11 1.02
N GLN D 166 26.70 -12.12 1.48
CA GLN D 166 27.80 -12.40 2.40
C GLN D 166 27.28 -13.02 3.70
N LYS D 167 26.18 -12.47 4.24
CA LYS D 167 25.60 -13.05 5.44
C LYS D 167 25.08 -14.45 5.17
N ILE D 168 24.47 -14.66 4.00
CA ILE D 168 24.00 -16.00 3.63
C ILE D 168 25.16 -16.98 3.58
N LEU D 169 26.23 -16.59 2.89
CA LEU D 169 27.38 -17.49 2.75
C LEU D 169 28.07 -17.70 4.09
N HIS D 170 28.17 -16.65 4.91
CA HIS D 170 28.74 -16.80 6.25
C HIS D 170 27.96 -17.82 7.07
N GLU D 171 26.63 -17.71 7.06
CA GLU D 171 25.81 -18.68 7.79
C GLU D 171 25.86 -20.07 7.16
N GLN D 172 26.33 -20.18 5.92
CA GLN D 172 26.52 -21.47 5.29
C GLN D 172 27.85 -22.12 5.65
N GLY D 173 28.72 -21.41 6.34
CA GLY D 173 30.04 -21.91 6.67
C GLY D 173 31.16 -21.42 5.77
N VAL D 174 30.90 -20.44 4.91
CA VAL D 174 31.93 -19.91 4.03
C VAL D 174 32.77 -18.92 4.80
N ALA D 175 34.10 -19.05 4.70
CA ALA D 175 35.03 -18.19 5.41
C ALA D 175 35.47 -16.98 4.59
N ASN D 176 35.19 -16.97 3.28
CA ASN D 176 35.57 -15.84 2.44
C ASN D 176 34.32 -15.29 1.76
N PRO D 177 33.29 -14.93 2.53
CA PRO D 177 32.04 -14.46 1.90
C PRO D 177 32.18 -13.15 1.16
N GLU D 178 33.19 -12.34 1.49
CA GLU D 178 33.42 -11.09 0.80
C GLU D 178 34.27 -11.24 -0.46
N SER D 179 34.92 -12.40 -0.64
CA SER D 179 35.78 -12.61 -1.81
C SER D 179 35.57 -13.99 -2.42
N CYS D 180 34.34 -14.50 -2.41
CA CYS D 180 34.06 -15.82 -2.95
C CYS D 180 33.61 -15.78 -4.41
N LEU D 181 32.97 -14.70 -4.82
CA LEU D 181 32.55 -14.54 -6.22
C LEU D 181 33.76 -14.24 -7.09
N ASP D 182 34.09 -15.15 -7.99
CA ASP D 182 35.24 -14.98 -8.87
C ASP D 182 35.03 -13.76 -9.76
N PRO D 183 35.91 -12.75 -9.68
CA PRO D 183 35.74 -11.58 -10.55
C PRO D 183 35.89 -11.89 -12.03
N HIS D 184 36.49 -13.02 -12.38
CA HIS D 184 36.65 -13.42 -13.77
C HIS D 184 35.44 -14.20 -14.29
N SER D 185 34.34 -14.20 -13.55
CA SER D 185 33.13 -14.90 -14.00
C SER D 185 32.63 -14.36 -15.33
N ALA D 186 32.78 -13.06 -15.58
CA ALA D 186 32.31 -12.48 -16.82
C ALA D 186 33.27 -12.73 -17.98
N SER D 187 34.51 -13.11 -17.71
CA SER D 187 35.55 -13.19 -18.74
C SER D 187 35.94 -14.61 -19.09
N VAL D 188 36.13 -15.49 -18.10
CA VAL D 188 36.63 -16.84 -18.32
C VAL D 188 35.63 -17.66 -19.11
N PRO D 189 36.08 -18.61 -19.94
CA PRO D 189 35.14 -19.52 -20.58
C PRO D 189 34.42 -20.37 -19.55
N SER D 190 33.14 -20.63 -19.80
CA SER D 190 32.29 -21.35 -18.86
C SER D 190 32.19 -22.80 -19.29
N LEU D 191 32.54 -23.70 -18.38
CA LEU D 191 32.32 -25.13 -18.59
C LEU D 191 30.86 -25.38 -18.94
N LEU D 192 30.64 -26.13 -20.02
CA LEU D 192 29.31 -26.64 -20.29
C LEU D 192 28.94 -27.67 -19.25
N TYR D 193 27.64 -27.82 -18.99
CA TYR D 193 27.22 -28.73 -17.94
C TYR D 193 27.62 -30.16 -18.31
N GLY D 194 28.07 -30.91 -17.30
CA GLY D 194 28.65 -32.21 -17.52
C GLY D 194 30.13 -32.20 -17.82
N SER D 195 30.68 -31.05 -18.19
CA SER D 195 32.12 -30.92 -18.42
C SER D 195 32.80 -30.46 -17.14
N SER D 196 34.06 -30.83 -17.00
CA SER D 196 34.83 -30.52 -15.81
C SER D 196 36.19 -29.95 -16.21
N LYS D 197 36.95 -29.53 -15.20
CA LYS D 197 38.35 -29.19 -15.40
C LYS D 197 39.19 -30.46 -15.40
N LEU D 198 40.45 -30.31 -15.83
CA LEU D 198 41.35 -31.46 -15.92
C LEU D 198 41.59 -32.06 -14.54
N ASN D 199 41.33 -33.35 -14.40
CA ASN D 199 41.49 -34.09 -13.17
C ASN D 199 40.56 -33.64 -12.05
N HIS D 200 39.52 -32.87 -12.39
CA HIS D 200 38.53 -32.42 -11.43
C HIS D 200 37.19 -33.07 -11.74
N ARG D 201 36.34 -33.15 -10.72
CA ARG D 201 35.04 -33.72 -11.00
C ARG D 201 34.08 -32.64 -11.50
N PRO D 202 33.16 -33.00 -12.39
CA PRO D 202 32.22 -32.00 -12.93
C PRO D 202 31.25 -31.53 -11.86
N TYR D 203 30.91 -30.24 -11.93
CA TYR D 203 29.89 -29.70 -11.05
C TYR D 203 28.55 -30.35 -11.36
N GLN D 204 27.77 -30.61 -10.31
CA GLN D 204 26.48 -31.27 -10.43
C GLN D 204 25.38 -30.27 -10.13
N LEU D 205 24.39 -30.19 -11.02
CA LEU D 205 23.24 -29.32 -10.80
C LEU D 205 22.46 -29.80 -9.59
N LYS D 206 22.45 -29.00 -8.52
CA LYS D 206 21.62 -29.35 -7.37
C LYS D 206 20.16 -29.04 -7.63
N THR D 207 19.87 -27.81 -8.05
CA THR D 207 18.49 -27.42 -8.34
C THR D 207 18.51 -26.20 -9.24
N GLY D 208 17.38 -25.95 -9.88
CA GLY D 208 17.22 -24.78 -10.70
C GLY D 208 15.95 -24.04 -10.29
N PHE D 209 15.97 -22.73 -10.48
CA PHE D 209 14.88 -21.87 -10.07
C PHE D 209 14.38 -21.07 -11.25
N GLU D 210 13.06 -20.99 -11.38
CA GLU D 210 12.41 -20.17 -12.38
C GLU D 210 12.00 -18.86 -11.74
N LEU D 211 12.52 -17.75 -12.28
CA LEU D 211 12.22 -16.42 -11.79
C LEU D 211 11.42 -15.68 -12.85
N VAL D 212 10.27 -15.14 -12.46
CA VAL D 212 9.42 -14.37 -13.35
C VAL D 212 9.57 -12.91 -12.97
N PHE D 213 9.98 -12.08 -13.93
CA PHE D 213 10.09 -10.64 -13.75
C PHE D 213 9.12 -9.94 -14.69
N ASP D 214 8.34 -9.01 -14.14
CA ASP D 214 7.37 -8.25 -14.90
C ASP D 214 7.70 -6.77 -14.73
N SER D 215 7.91 -6.07 -15.84
CA SER D 215 8.11 -4.63 -15.76
C SER D 215 6.85 -3.93 -15.25
N SER D 216 5.68 -4.53 -15.50
CA SER D 216 4.42 -3.99 -14.99
C SER D 216 4.21 -4.29 -13.51
N ASP D 217 5.10 -5.08 -12.92
CA ASP D 217 5.04 -5.40 -11.48
C ASP D 217 6.45 -5.68 -11.02
N PRO D 218 7.31 -4.65 -11.00
CA PRO D 218 8.75 -4.90 -10.82
C PRO D 218 9.11 -5.44 -9.45
N ASP D 219 8.40 -5.04 -8.40
CA ASP D 219 8.72 -5.46 -7.04
C ASP D 219 8.31 -6.90 -6.74
N TYR D 220 7.59 -7.57 -7.65
CA TYR D 220 7.13 -8.93 -7.44
C TYR D 220 8.11 -9.87 -8.14
N ILE D 221 8.87 -10.64 -7.34
CA ILE D 221 9.88 -11.55 -7.88
C ILE D 221 9.60 -12.97 -7.43
N PRO D 222 8.63 -13.67 -8.03
CA PRO D 222 8.36 -15.06 -7.65
C PRO D 222 9.47 -15.97 -8.14
N ILE D 223 10.11 -16.67 -7.20
CA ILE D 223 11.19 -17.61 -7.51
C ILE D 223 10.73 -18.98 -7.07
N HIS D 224 10.52 -19.86 -8.03
CA HIS D 224 10.04 -21.21 -7.77
C HIS D 224 11.03 -22.23 -8.32
N GLN D 225 11.21 -23.34 -7.60
CA GLN D 225 12.02 -24.46 -8.06
C GLN D 225 11.50 -25.00 -9.39
N ILE D 226 12.41 -25.19 -10.34
CA ILE D 226 12.02 -25.81 -11.64
C ILE D 226 11.63 -27.25 -11.34
N LYS D 227 10.62 -27.77 -12.04
CA LYS D 227 10.11 -29.12 -11.69
C LYS D 227 10.83 -30.23 -12.46
N ASN D 228 10.53 -30.39 -13.74
CA ASN D 228 11.08 -31.54 -14.50
C ASN D 228 12.46 -31.18 -15.03
N ILE D 229 13.33 -30.70 -14.15
CA ILE D 229 14.67 -30.26 -14.62
C ILE D 229 15.31 -31.42 -15.37
N GLU D 230 15.08 -32.65 -14.89
CA GLU D 230 15.80 -33.74 -15.54
C GLU D 230 15.20 -34.11 -16.89
N SER D 231 14.01 -33.59 -17.21
CA SER D 231 13.37 -33.84 -18.49
C SER D 231 13.91 -32.98 -19.63
N TYR D 232 14.85 -32.08 -19.36
CA TYR D 232 15.39 -31.20 -20.37
C TYR D 232 16.84 -31.58 -20.68
N ASN D 233 17.33 -31.08 -21.82
CA ASN D 233 18.74 -31.20 -22.17
C ASN D 233 19.50 -30.19 -21.32
N LEU D 234 20.10 -30.67 -20.22
CA LEU D 234 20.74 -29.76 -19.27
C LEU D 234 21.94 -29.06 -19.87
N VAL D 235 22.70 -29.73 -20.74
CA VAL D 235 23.78 -29.07 -21.45
C VAL D 235 23.25 -27.90 -22.27
N SER D 236 22.18 -28.15 -23.04
CA SER D 236 21.59 -27.10 -23.86
C SER D 236 20.99 -26.00 -23.00
N GLU D 237 20.22 -26.37 -21.98
CA GLU D 237 19.50 -25.37 -21.20
C GLU D 237 20.45 -24.49 -20.39
N LEU D 238 21.54 -25.06 -19.90
CA LEU D 238 22.47 -24.33 -19.03
C LEU D 238 23.55 -23.59 -19.80
N SER D 239 23.59 -23.71 -21.13
CA SER D 239 24.64 -23.07 -21.92
C SER D 239 24.41 -21.57 -21.99
N LEU D 240 25.45 -20.80 -21.64
CA LEU D 240 25.33 -19.34 -21.61
C LEU D 240 25.11 -18.76 -23.01
N THR D 241 25.61 -19.43 -24.04
CA THR D 241 25.50 -18.95 -25.40
C THR D 241 24.31 -19.53 -26.15
N ASN D 242 23.69 -20.58 -25.62
CA ASN D 242 22.56 -21.20 -26.29
C ASN D 242 21.36 -20.25 -26.31
N GLU D 243 20.69 -20.20 -27.46
CA GLU D 243 19.45 -19.46 -27.60
C GLU D 243 18.31 -20.37 -28.03
N GLN D 244 18.56 -21.67 -28.16
CA GLN D 244 17.57 -22.63 -28.65
C GLN D 244 17.11 -23.58 -27.56
N GLY D 245 17.30 -23.22 -26.29
CA GLY D 245 16.80 -24.05 -25.22
C GLY D 245 15.29 -24.09 -25.19
N SER D 246 14.76 -25.17 -24.62
CA SER D 246 13.32 -25.32 -24.48
C SER D 246 12.82 -24.67 -23.19
N LEU D 247 13.38 -25.11 -22.06
CA LEU D 247 13.07 -24.45 -20.79
C LEU D 247 13.61 -23.03 -20.75
N VAL D 248 14.88 -22.88 -21.12
CA VAL D 248 15.56 -21.59 -21.01
C VAL D 248 15.37 -20.84 -22.32
N ARG D 249 14.54 -19.82 -22.29
CA ARG D 249 14.35 -19.00 -23.46
C ARG D 249 15.10 -17.69 -23.27
N PRO D 250 15.88 -17.26 -24.27
CA PRO D 250 16.73 -16.07 -24.08
C PRO D 250 15.91 -14.86 -23.66
N VAL D 251 16.42 -14.14 -22.66
CA VAL D 251 15.89 -12.86 -22.25
C VAL D 251 17.02 -11.85 -22.45
N TYR D 252 16.86 -10.99 -23.45
CA TYR D 252 17.94 -10.14 -23.92
C TYR D 252 17.95 -8.82 -23.16
N CYS D 253 19.10 -8.48 -22.57
CA CYS D 253 19.26 -7.23 -21.86
C CYS D 253 19.82 -6.15 -22.79
MN MN E . -18.73 -14.05 4.35
MN MN F . -9.39 2.52 2.61
MN MN G . -17.36 -16.87 3.16
N1 DCP H . -20.32 -17.70 10.27
C2 DCP H . -21.29 -16.79 9.85
N3 DCP H . -22.60 -17.13 9.88
C4 DCP H . -23.05 -18.36 10.36
C5 DCP H . -22.04 -19.31 10.75
C6 DCP H . -20.72 -18.93 10.64
O2 DCP H . -20.99 -15.66 9.48
N4 DCP H . -24.31 -18.68 10.45
C1' DCP H . -18.87 -17.44 10.14
C2' DCP H . -18.12 -18.74 9.90
C3' DCP H . -17.15 -18.43 8.78
C4' DCP H . -17.33 -16.95 8.49
O4' DCP H . -18.57 -16.58 9.06
O3' DCP H . -15.82 -18.70 9.16
C5' DCP H . -17.33 -16.65 7.00
O5' DCP H . -18.57 -16.08 6.63
PA DCP H . -19.57 -16.94 5.70
O1A DCP H . -19.32 -16.57 4.26
O2A DCP H . -21.02 -16.73 6.08
O3A DCP H . -19.06 -18.43 6.01
PB DCP H . -18.36 -19.35 4.87
O1B DCP H . -17.26 -18.59 4.18
O2B DCP H . -17.86 -20.61 5.52
O3B DCP H . -19.60 -19.67 3.89
PG DCP H . -19.59 -19.45 2.29
O1G DCP H . -18.84 -20.54 1.59
O2G DCP H . -18.99 -18.11 1.97
O3G DCP H . -21.03 -19.47 1.82
MN MN I . 5.90 10.33 -19.19
MN MN J . 4.43 -4.47 -7.54
MN MN K . 3.99 13.09 -18.70
MN MN L . 9.82 8.28 19.08
N1 DCP M . 11.41 14.69 -20.77
C2 DCP M . 11.47 13.52 -21.55
N3 DCP M . 11.60 13.62 -22.92
C4 DCP M . 11.85 14.85 -23.50
C5 DCP M . 11.84 15.98 -22.72
C6 DCP M . 11.56 15.91 -21.37
O2 DCP M . 11.30 12.39 -21.05
N4 DCP M . 12.10 14.93 -24.81
C1' DCP M . 11.06 14.61 -19.34
C2' DCP M . 10.52 15.95 -18.86
C3' DCP M . 9.31 15.61 -18.02
C4' DCP M . 9.30 14.09 -17.95
O4' DCP M . 10.09 13.64 -19.03
O3' DCP M . 9.42 16.17 -16.73
C5' DCP M . 7.90 13.48 -18.01
O5' DCP M . 7.80 12.59 -19.10
PA DCP M . 6.98 13.08 -20.40
O1A DCP M . 7.71 12.75 -21.68
O2A DCP M . 5.60 12.49 -20.36
O3A DCP M . 6.92 14.68 -20.14
PB DCP M . 5.54 15.44 -19.86
O1B DCP M . 5.81 16.89 -19.57
O2B DCP M . 4.78 14.79 -18.73
O3B DCP M . 4.79 15.28 -21.28
PG DCP M . 3.26 14.83 -21.46
O1G DCP M . 3.03 14.48 -22.90
O2G DCP M . 2.31 15.94 -21.05
O3G DCP M . 3.02 13.60 -20.61
MN MN N . -20.96 22.85 30.41
MN MN O . -20.05 25.18 27.93
O3A DCP P . -20.78 28.22 30.28
PB DCP P . -20.39 28.19 28.73
O1B DCP P . -19.52 27.00 28.43
O2B DCP P . -19.68 29.47 28.33
O3B DCP P . -21.79 28.05 27.96
PG DCP P . -22.68 26.71 28.09
O1G DCP P . -22.21 25.70 27.08
O2G DCP P . -24.14 27.02 27.85
O3G DCP P . -22.48 26.12 29.47
MN MN Q . 36.82 -19.08 -10.06
MN MN R . 34.71 -21.98 -9.44
O5' DCP S . 35.90 -26.20 -8.34
PA DCP S . 36.29 -24.87 -9.15
O1A DCP S . 37.79 -24.73 -9.15
O2A DCP S . 35.62 -23.65 -8.56
O3A DCP S . 35.74 -25.16 -10.65
PB DCP S . 36.03 -24.12 -11.85
O1B DCP S . 36.28 -24.85 -13.15
O2B DCP S . 34.86 -23.17 -11.98
O3B DCP S . 37.33 -23.31 -11.36
PG DCP S . 37.65 -21.81 -11.83
O1G DCP S . 39.07 -21.76 -12.34
O2G DCP S . 36.70 -21.39 -12.94
O3G DCP S . 37.48 -20.89 -10.65
#